data_8SSC
#
_entry.id   8SSC
#
_cell.length_a   134.804
_cell.length_b   134.804
_cell.length_c   174.738
_cell.angle_alpha   90.00
_cell.angle_beta   90.00
_cell.angle_gamma   90.00
#
_symmetry.space_group_name_H-M   'P 41 21 2'
#
loop_
_entity.id
_entity.type
_entity.pdbx_description
1 polymer 'Methionine synthase'
2 non-polymer 'POTASSIUM ION'
3 non-polymer 'SULFATE ION'
4 water water
#
_entity_poly.entity_id   1
_entity_poly.type   'polypeptide(L)'
_entity_poly.pdbx_seq_one_letter_code
;AKKFPYLKALLERPLVFDGAMGTELQKRDLTPEDYGGEAYFGCPEVLNRTRPEVVREIHLAYLEAGAEVIETNTFGALRH
VLAEYGLEEAAEELAFLGARIAREAADPHGAFVAGALGPGTKLVSLGQISWDALYRAYKEAARGLLKGGVDLILLETAQD
ILQVRCAVLAVREAMAEVGREVPLQVQVTFEATGTMLVGTDEQAALAALESLPVDVVGMNCATGPDLMDSKVRYFAEHST
RFVSCLPNAGLPRNEGGRVVYDLTPEELAKWHLKFVAEYGVNAVGGCCGTGPEHIRKVAEAVKGLAPKPRPESFPPQVAS
LYQAVSLKQEASLFLVGERLNATGSKRFREMLFARDLEGILALAREQVEEGAHALDLSVAWTGRDELEDLRWLLPHLATA
LTVPVMVDSTSPEAMELALKYLPGRVLLNSANLEDGLERFDRVASLAKAHGAALVVLAIDEKGMAKTREEKVRVALRMYE
RLTEHHGLRPEDLLFDLLTFPITQGDEESRPLAKETLLAMEELRERLPGVGFVLGVSNVSFGLKPRARRVLNSVFLDEAR
KRGLTAAIVDAGKILPISQIPEEAYALALDLIYDRRKEGFDPLLAFMAYFEAHKEDPGKREDAFLALPLLERLKRRVVEG
RKQGLEADLEEALKAGHKPLDLINGPLLAGMKEVGDLFGAGKMQLPFVLQAAEVMKRAVAYLEPHMEKKGEGKGTLVLAT
VKGDVHDIGKNLVDIILSNNGYRVVNLGIKVPIEEILKAVEAHKPHAVGMSGLLVKSTLVMKENLEYMRDRGYTLPVILG
GAALTRSYVEELRAIYPNVYYAEDAFEGLRLMEELTGHAPPELTRKAPARPKREAPKVAPRARPVGEAPAVPRPPFFGVR
VEEGLDLATIAHYVNKLALYRGQWGYSRKGLSREAWQALVEREAEPVFQRLLKEAMAEGWLEPKVLYGFFPVAREGEELL
VFSPETGEVLERFRFPRQKGGGLSLVDYFRPRFAAPLGDEADWMPKEAFRAGARDVLGVQLVTMGEAPSRKAQALFASGA
YQDYLFVHGFSVEMTEALAEYWHKRMRQMWGIAHQDATEIQKLFQQGYQGARYSFGYPACPDLADQAKLDRLMGFHRVGV
RLTENFQLEPEHATSALVVHHPEARYFSVD
;
_entity_poly.pdbx_strand_id   A
#
loop_
_chem_comp.id
_chem_comp.type
_chem_comp.name
_chem_comp.formula
K non-polymer 'POTASSIUM ION' 'K 1'
SO4 non-polymer 'SULFATE ION' 'O4 S -2'
#
# COMPACT_ATOMS: atom_id res chain seq x y z
N LYS A 2 26.72 -13.35 18.90
CA LYS A 2 27.54 -14.46 19.48
C LYS A 2 28.80 -13.89 20.15
N LYS A 3 29.68 -13.28 19.34
CA LYS A 3 30.94 -12.69 19.79
C LYS A 3 30.69 -11.45 20.65
N PHE A 4 29.96 -10.46 20.10
CA PHE A 4 29.69 -9.18 20.75
C PHE A 4 28.61 -9.33 21.82
N PRO A 5 28.79 -8.75 23.02
CA PRO A 5 27.79 -8.88 24.08
C PRO A 5 26.36 -8.47 23.71
N TYR A 6 26.22 -7.45 22.84
CA TYR A 6 24.92 -6.91 22.42
C TYR A 6 24.11 -7.98 21.69
N LEU A 7 24.72 -8.67 20.71
CA LEU A 7 24.07 -9.73 19.96
C LEU A 7 23.84 -10.98 20.83
N LYS A 8 24.73 -11.25 21.78
CA LYS A 8 24.50 -12.27 22.80
C LYS A 8 23.25 -11.95 23.60
N ALA A 9 23.08 -10.67 23.95
CA ALA A 9 21.95 -10.26 24.78
C ALA A 9 20.67 -10.40 23.98
N LEU A 10 20.72 -10.11 22.66
CA LEU A 10 19.54 -10.21 21.83
C LEU A 10 19.04 -11.66 21.73
N LEU A 11 19.97 -12.63 21.73
CA LEU A 11 19.63 -14.04 21.72
C LEU A 11 18.95 -14.46 23.03
N GLU A 12 19.34 -13.83 24.16
CA GLU A 12 18.93 -14.29 25.48
C GLU A 12 17.59 -13.67 25.87
N ARG A 13 17.40 -12.37 25.58
CA ARG A 13 16.21 -11.65 26.04
C ARG A 13 15.85 -10.52 25.08
N PRO A 14 14.61 -9.95 25.18
CA PRO A 14 14.25 -8.75 24.43
C PRO A 14 14.90 -7.54 25.08
N LEU A 15 15.64 -6.80 24.25
CA LEU A 15 16.33 -5.59 24.71
C LEU A 15 15.38 -4.41 24.51
N VAL A 16 15.18 -3.64 25.58
CA VAL A 16 14.31 -2.48 25.54
C VAL A 16 15.18 -1.26 25.28
N PHE A 17 14.91 -0.58 24.16
CA PHE A 17 15.58 0.66 23.83
C PHE A 17 14.91 1.83 24.57
N ASP A 18 15.60 2.97 24.56
CA ASP A 18 15.10 4.22 25.08
C ASP A 18 14.00 4.77 24.18
N GLY A 19 13.43 5.88 24.63
CA GLY A 19 12.47 6.68 23.86
C GLY A 19 13.13 7.96 23.32
N ALA A 20 12.29 8.96 23.03
CA ALA A 20 12.71 10.16 22.32
C ALA A 20 13.62 11.02 23.19
N MET A 21 14.69 11.52 22.57
CA MET A 21 15.58 12.51 23.17
C MET A 21 14.94 13.88 22.99
N GLY A 22 14.46 14.13 21.76
CA GLY A 22 13.99 15.45 21.34
C GLY A 22 12.87 15.99 22.23
N THR A 23 11.84 15.14 22.45
CA THR A 23 10.64 15.56 23.15
C THR A 23 10.93 15.75 24.64
N GLU A 24 11.95 15.01 25.13
CA GLU A 24 12.37 15.11 26.53
C GLU A 24 13.14 16.42 26.80
N LEU A 25 13.91 16.88 25.80
CA LEU A 25 14.61 18.16 25.87
C LEU A 25 13.62 19.32 25.90
N GLN A 26 12.49 19.22 25.16
CA GLN A 26 11.50 20.30 25.09
C GLN A 26 10.92 20.63 26.46
N LYS A 27 10.88 19.66 27.39
CA LYS A 27 10.40 19.89 28.75
C LYS A 27 11.34 20.80 29.54
N ARG A 28 12.63 20.80 29.21
CA ARG A 28 13.62 21.50 30.03
C ARG A 28 13.63 23.00 29.71
N ASP A 29 13.00 23.43 28.61
CA ASP A 29 12.80 24.85 28.29
C ASP A 29 14.14 25.56 28.26
N LEU A 30 14.97 25.17 27.28
CA LEU A 30 16.34 25.61 27.17
C LEU A 30 16.36 26.91 26.38
N THR A 31 17.47 27.65 26.53
CA THR A 31 17.65 28.99 25.97
C THR A 31 18.86 29.02 25.04
N PRO A 32 19.00 30.02 24.13
CA PRO A 32 20.18 30.12 23.27
C PRO A 32 21.55 30.05 23.96
N GLU A 33 21.63 30.55 25.19
CA GLU A 33 22.82 30.37 26.01
C GLU A 33 23.12 28.88 26.20
N ASP A 34 22.09 28.04 26.43
CA ASP A 34 22.26 26.62 26.70
C ASP A 34 22.80 25.90 25.47
N TYR A 35 22.48 26.39 24.27
CA TYR A 35 22.98 25.82 23.02
C TYR A 35 24.27 26.50 22.58
N GLY A 36 24.75 27.48 23.34
CA GLY A 36 26.08 28.05 23.12
C GLY A 36 26.07 29.19 22.09
N GLY A 37 24.90 29.79 21.92
CA GLY A 37 24.68 30.82 20.91
C GLY A 37 23.31 30.68 20.23
N GLU A 38 22.87 31.80 19.65
CA GLU A 38 21.61 31.96 18.94
C GLU A 38 21.61 31.09 17.68
N ALA A 39 22.74 31.12 16.95
CA ALA A 39 22.94 30.33 15.73
C ALA A 39 22.72 28.83 15.95
N TYR A 40 23.14 28.33 17.13
CA TYR A 40 23.12 26.90 17.45
C TYR A 40 21.82 26.49 18.14
N PHE A 41 20.92 27.45 18.37
CA PHE A 41 19.70 27.20 19.14
C PHE A 41 18.82 26.18 18.42
N GLY A 42 18.45 25.10 19.12
CA GLY A 42 17.59 24.06 18.56
C GLY A 42 18.35 22.82 18.09
N CYS A 43 19.67 22.93 17.87
CA CYS A 43 20.50 21.80 17.47
C CYS A 43 20.77 20.95 18.70
N PRO A 44 20.19 19.74 18.86
CA PRO A 44 20.37 18.99 20.11
C PRO A 44 21.77 18.41 20.29
N GLU A 45 22.48 18.20 19.17
CA GLU A 45 23.79 17.55 19.20
C GLU A 45 24.86 18.48 19.82
N VAL A 46 24.67 19.79 19.74
CA VAL A 46 25.61 20.75 20.28
C VAL A 46 25.54 20.74 21.82
N LEU A 47 24.45 20.22 22.39
CA LEU A 47 24.30 20.18 23.84
C LEU A 47 25.32 19.21 24.43
N ASN A 48 25.81 18.26 23.61
CA ASN A 48 26.85 17.35 24.06
C ASN A 48 28.09 18.15 24.48
N ARG A 49 28.32 19.30 23.81
CA ARG A 49 29.35 20.26 24.17
C ARG A 49 28.86 21.21 25.25
N THR A 50 27.72 21.87 25.01
CA THR A 50 27.31 23.01 25.81
C THR A 50 26.63 22.62 27.15
N ARG A 51 25.75 21.62 27.15
CA ARG A 51 25.06 21.19 28.35
C ARG A 51 25.04 19.66 28.44
N PRO A 52 26.16 18.98 28.78
CA PRO A 52 26.19 17.52 28.88
C PRO A 52 25.28 16.97 29.97
N GLU A 53 25.15 17.72 31.07
CA GLU A 53 24.40 17.26 32.22
C GLU A 53 22.93 17.07 31.85
N VAL A 54 22.41 17.90 30.94
CA VAL A 54 21.01 17.81 30.54
C VAL A 54 20.78 16.55 29.71
N VAL A 55 21.75 16.21 28.86
CA VAL A 55 21.69 15.02 28.04
C VAL A 55 21.84 13.78 28.93
N ARG A 56 22.84 13.82 29.82
CA ARG A 56 23.07 12.78 30.81
C ARG A 56 21.78 12.45 31.55
N GLU A 57 21.08 13.48 32.04
CA GLU A 57 19.89 13.30 32.87
C GLU A 57 18.81 12.52 32.13
N ILE A 58 18.68 12.78 30.83
CA ILE A 58 17.64 12.13 30.04
C ILE A 58 18.00 10.65 29.88
N HIS A 59 19.27 10.33 29.63
CA HIS A 59 19.72 8.95 29.56
C HIS A 59 19.40 8.25 30.87
N LEU A 60 19.70 8.90 32.00
CA LEU A 60 19.44 8.32 33.31
C LEU A 60 17.95 8.02 33.47
N ALA A 61 17.10 8.94 33.04
CA ALA A 61 15.65 8.77 33.17
C ALA A 61 15.16 7.53 32.44
N TYR A 62 15.72 7.24 31.27
CA TYR A 62 15.37 6.07 30.47
C TYR A 62 15.98 4.80 31.06
N LEU A 63 17.22 4.90 31.59
CA LEU A 63 17.88 3.74 32.16
C LEU A 63 17.11 3.26 33.40
N GLU A 64 16.74 4.21 34.26
CA GLU A 64 15.98 3.95 35.47
C GLU A 64 14.66 3.29 35.11
N ALA A 65 14.02 3.77 34.04
CA ALA A 65 12.73 3.27 33.59
C ALA A 65 12.83 1.84 33.06
N GLY A 66 14.00 1.46 32.54
CA GLY A 66 14.25 0.06 32.20
C GLY A 66 14.82 -0.17 30.80
N ALA A 67 15.26 0.89 30.11
CA ALA A 67 15.99 0.74 28.86
C ALA A 67 17.34 0.08 29.16
N GLU A 68 17.61 -1.01 28.44
CA GLU A 68 18.91 -1.66 28.47
C GLU A 68 19.79 -1.10 27.37
N VAL A 69 19.18 -0.40 26.38
CA VAL A 69 19.95 0.27 25.34
C VAL A 69 19.52 1.73 25.29
N ILE A 70 20.48 2.65 25.32
CA ILE A 70 20.25 4.07 25.10
C ILE A 70 20.93 4.47 23.79
N GLU A 71 20.30 5.44 23.10
CA GLU A 71 20.85 5.99 21.88
C GLU A 71 21.59 7.29 22.21
N THR A 72 22.72 7.50 21.53
CA THR A 72 23.51 8.71 21.67
C THR A 72 22.75 9.86 21.04
N ASN A 73 22.94 11.07 21.60
CA ASN A 73 22.29 12.27 21.12
C ASN A 73 23.06 12.78 19.91
N THR A 74 22.98 12.05 18.78
CA THR A 74 23.87 12.25 17.65
C THR A 74 23.15 12.05 16.32
N PHE A 75 21.82 12.20 16.31
CA PHE A 75 20.99 11.84 15.17
C PHE A 75 21.38 12.67 13.97
N GLY A 76 21.48 13.99 14.19
CA GLY A 76 21.88 14.92 13.15
C GLY A 76 23.31 15.42 13.30
N ALA A 77 24.21 14.56 13.81
CA ALA A 77 25.63 14.87 13.86
C ALA A 77 26.27 14.44 12.55
N LEU A 78 25.86 15.12 11.48
CA LEU A 78 26.39 14.93 10.14
C LEU A 78 26.69 16.31 9.56
N ARG A 79 27.74 16.39 8.71
CA ARG A 79 28.27 17.64 8.19
C ARG A 79 27.14 18.51 7.64
N HIS A 80 26.37 17.95 6.70
CA HIS A 80 25.37 18.69 5.92
C HIS A 80 24.13 19.01 6.75
N VAL A 81 23.87 18.23 7.81
CA VAL A 81 22.78 18.54 8.72
C VAL A 81 23.21 19.71 9.61
N LEU A 82 24.42 19.61 10.18
CA LEU A 82 24.95 20.62 11.09
C LEU A 82 25.21 21.95 10.39
N ALA A 83 25.43 21.92 9.07
CA ALA A 83 25.68 23.11 8.27
C ALA A 83 24.61 24.20 8.43
N GLU A 84 23.35 23.79 8.68
CA GLU A 84 22.23 24.69 8.95
C GLU A 84 22.50 25.58 10.16
N TYR A 85 23.36 25.13 11.10
CA TYR A 85 23.65 25.85 12.34
C TYR A 85 25.05 26.46 12.32
N GLY A 86 25.77 26.28 11.22
CA GLY A 86 27.16 26.67 11.15
C GLY A 86 28.07 25.75 11.94
N LEU A 87 27.66 24.48 12.11
CA LEU A 87 28.44 23.48 12.85
C LEU A 87 28.93 22.34 11.96
N GLU A 88 29.08 22.57 10.65
CA GLU A 88 29.48 21.55 9.69
C GLU A 88 30.81 20.90 10.04
N GLU A 89 31.67 21.57 10.82
CA GLU A 89 33.00 21.07 11.15
C GLU A 89 33.00 20.26 12.45
N ALA A 90 31.84 20.15 13.13
CA ALA A 90 31.80 19.67 14.50
C ALA A 90 31.21 18.27 14.61
N ALA A 91 31.13 17.52 13.50
CA ALA A 91 30.33 16.31 13.50
C ALA A 91 31.00 15.22 14.31
N GLU A 92 32.32 15.08 14.12
CA GLU A 92 33.06 14.03 14.79
C GLU A 92 33.15 14.33 16.28
N GLU A 93 33.25 15.63 16.62
CA GLU A 93 33.33 16.06 18.01
C GLU A 93 32.02 15.75 18.72
N LEU A 94 30.90 16.22 18.15
CA LEU A 94 29.60 16.12 18.80
C LEU A 94 29.16 14.66 18.88
N ALA A 95 29.49 13.89 17.85
CA ALA A 95 29.31 12.44 17.86
C ALA A 95 30.06 11.80 19.03
N PHE A 96 31.32 12.21 19.24
CA PHE A 96 32.16 11.64 20.28
C PHE A 96 31.61 11.98 21.66
N LEU A 97 31.30 13.25 21.91
CA LEU A 97 30.86 13.70 23.22
C LEU A 97 29.53 13.03 23.56
N GLY A 98 28.61 12.96 22.59
CA GLY A 98 27.35 12.26 22.78
C GLY A 98 27.55 10.81 23.20
N ALA A 99 28.48 10.11 22.53
CA ALA A 99 28.82 8.72 22.83
C ALA A 99 29.46 8.58 24.21
N ARG A 100 30.16 9.62 24.67
CA ARG A 100 30.88 9.62 25.94
CA ARG A 100 30.87 9.62 25.94
C ARG A 100 29.91 9.92 27.10
N ILE A 101 28.88 10.71 26.82
CA ILE A 101 27.86 11.03 27.79
C ILE A 101 27.04 9.77 28.02
N ALA A 102 26.66 9.07 26.93
CA ALA A 102 25.87 7.87 27.03
C ALA A 102 26.64 6.78 27.79
N ARG A 103 27.92 6.62 27.43
CA ARG A 103 28.81 5.66 28.07
C ARG A 103 28.82 5.88 29.59
N GLU A 104 28.93 7.14 30.04
CA GLU A 104 28.94 7.47 31.45
C GLU A 104 27.62 7.09 32.12
N ALA A 105 26.50 7.34 31.47
CA ALA A 105 25.21 6.99 32.02
C ALA A 105 25.00 5.47 32.01
N ALA A 106 25.46 4.81 30.95
CA ALA A 106 25.22 3.38 30.76
C ALA A 106 26.08 2.48 31.66
N ASP A 107 27.32 2.87 31.99
CA ASP A 107 28.31 1.99 32.58
C ASP A 107 27.85 1.48 33.95
N PRO A 108 27.34 2.34 34.86
CA PRO A 108 26.77 1.87 36.12
C PRO A 108 25.58 0.91 36.00
N HIS A 109 24.77 1.08 34.94
CA HIS A 109 23.56 0.27 34.79
C HIS A 109 23.79 -0.98 33.95
N GLY A 110 25.02 -1.22 33.48
CA GLY A 110 25.33 -2.38 32.64
C GLY A 110 24.59 -2.37 31.29
N ALA A 111 24.32 -1.16 30.79
CA ALA A 111 23.45 -0.95 29.65
C ALA A 111 24.29 -0.76 28.40
N PHE A 112 23.66 -0.96 27.25
CA PHE A 112 24.29 -0.78 25.96
C PHE A 112 24.11 0.66 25.47
N VAL A 113 25.03 1.09 24.58
CA VAL A 113 24.99 2.42 24.00
C VAL A 113 25.03 2.22 22.49
N ALA A 114 24.01 2.76 21.82
CA ALA A 114 23.89 2.65 20.38
C ALA A 114 24.27 4.00 19.78
N GLY A 115 25.17 3.98 18.80
CA GLY A 115 25.63 5.19 18.14
C GLY A 115 24.67 5.56 17.02
N ALA A 116 23.66 6.36 17.37
CA ALA A 116 22.58 6.68 16.44
C ALA A 116 23.03 7.75 15.43
N LEU A 117 22.86 7.45 14.13
CA LEU A 117 23.04 8.41 13.06
C LEU A 117 21.79 8.37 12.16
N GLY A 118 21.18 9.53 11.97
CA GLY A 118 19.95 9.64 11.21
C GLY A 118 20.27 9.65 9.72
N PRO A 119 19.25 9.92 8.86
CA PRO A 119 19.39 9.84 7.41
C PRO A 119 19.90 11.11 6.72
N GLY A 120 19.99 12.18 7.52
CA GLY A 120 20.27 13.50 7.00
C GLY A 120 19.08 14.14 6.28
N THR A 121 19.35 15.35 5.78
CA THR A 121 18.37 16.24 5.21
C THR A 121 18.39 16.16 3.68
N LYS A 122 19.37 15.46 3.08
CA LYS A 122 19.54 15.36 1.64
C LYS A 122 19.48 13.90 1.20
N LEU A 123 18.59 13.61 0.24
CA LEU A 123 18.37 12.29 -0.33
C LEU A 123 19.29 12.03 -1.54
N VAL A 124 20.07 10.94 -1.49
CA VAL A 124 21.08 10.63 -2.50
C VAL A 124 20.41 10.21 -3.80
N SER A 125 19.31 9.45 -3.70
CA SER A 125 18.60 8.91 -4.85
C SER A 125 18.01 10.01 -5.75
N LEU A 126 17.70 11.19 -5.18
CA LEU A 126 17.22 12.33 -5.95
C LEU A 126 18.34 13.34 -6.23
N GLY A 127 19.60 12.97 -5.95
CA GLY A 127 20.75 13.80 -6.32
C GLY A 127 20.88 15.08 -5.49
N GLN A 128 20.30 15.08 -4.29
CA GLN A 128 20.36 16.22 -3.40
C GLN A 128 21.71 16.26 -2.66
N ILE A 129 22.43 15.14 -2.67
CA ILE A 129 23.79 15.08 -2.18
C ILE A 129 24.52 13.97 -2.95
N SER A 130 25.83 14.14 -3.16
CA SER A 130 26.62 13.15 -3.84
C SER A 130 26.92 12.01 -2.88
N TRP A 131 27.13 10.81 -3.44
CA TRP A 131 27.52 9.63 -2.67
C TRP A 131 28.76 9.93 -1.82
N ASP A 132 29.77 10.55 -2.43
CA ASP A 132 31.05 10.73 -1.76
C ASP A 132 30.92 11.66 -0.55
N ALA A 133 30.08 12.69 -0.71
CA ALA A 133 29.84 13.66 0.35
C ALA A 133 29.11 12.98 1.50
N LEU A 134 28.06 12.20 1.17
CA LEU A 134 27.26 11.51 2.17
C LEU A 134 28.13 10.49 2.90
N TYR A 135 28.89 9.72 2.12
CA TYR A 135 29.86 8.74 2.63
C TYR A 135 30.80 9.37 3.65
N ARG A 136 31.35 10.55 3.35
CA ARG A 136 32.32 11.19 4.23
C ARG A 136 31.70 11.59 5.57
N ALA A 137 30.46 12.10 5.54
CA ALA A 137 29.78 12.55 6.72
C ALA A 137 29.55 11.41 7.72
N TYR A 138 29.18 10.23 7.21
CA TYR A 138 28.90 9.07 8.04
C TYR A 138 30.21 8.47 8.58
N LYS A 139 31.25 8.44 7.74
CA LYS A 139 32.56 7.93 8.16
C LYS A 139 33.12 8.79 9.30
N GLU A 140 33.04 10.11 9.16
CA GLU A 140 33.47 11.06 10.18
C GLU A 140 32.76 10.83 11.52
N ALA A 141 31.42 10.83 11.50
CA ALA A 141 30.61 10.83 12.70
C ALA A 141 30.65 9.47 13.39
N ALA A 142 30.95 8.41 12.64
CA ALA A 142 31.04 7.06 13.18
C ALA A 142 32.38 6.84 13.87
N ARG A 143 33.45 7.52 13.42
CA ARG A 143 34.74 7.45 14.10
CA ARG A 143 34.75 7.45 14.09
C ARG A 143 34.61 8.04 15.49
N GLY A 144 33.87 9.16 15.59
CA GLY A 144 33.55 9.78 16.86
C GLY A 144 32.77 8.83 17.77
N LEU A 145 31.76 8.17 17.23
CA LEU A 145 30.92 7.24 17.99
C LEU A 145 31.75 6.08 18.50
N LEU A 146 32.57 5.50 17.61
CA LEU A 146 33.42 4.37 17.96
C LEU A 146 34.43 4.78 19.03
N LYS A 147 35.00 5.99 18.92
CA LYS A 147 35.99 6.50 19.87
C LYS A 147 35.38 6.77 21.24
N GLY A 148 34.06 7.02 21.29
CA GLY A 148 33.35 7.27 22.53
C GLY A 148 32.84 6.00 23.20
N GLY A 149 32.96 4.87 22.49
CA GLY A 149 32.81 3.55 23.10
C GLY A 149 31.40 3.00 23.01
N VAL A 150 30.69 3.33 21.90
CA VAL A 150 29.37 2.79 21.64
C VAL A 150 29.53 1.29 21.41
N ASP A 151 28.50 0.52 21.82
CA ASP A 151 28.52 -0.92 21.70
C ASP A 151 27.91 -1.40 20.39
N LEU A 152 27.21 -0.50 19.66
CA LEU A 152 26.78 -0.76 18.28
C LEU A 152 26.66 0.58 17.57
N ILE A 153 26.65 0.55 16.23
CA ILE A 153 26.30 1.69 15.41
C ILE A 153 24.87 1.46 14.92
N LEU A 154 24.05 2.51 15.02
CA LEU A 154 22.63 2.48 14.68
C LEU A 154 22.40 3.53 13.60
N LEU A 155 21.99 3.07 12.41
CA LEU A 155 21.56 3.96 11.35
C LEU A 155 20.03 4.02 11.41
N GLU A 156 19.52 5.18 11.85
CA GLU A 156 18.13 5.37 12.23
C GLU A 156 17.40 6.04 11.08
N THR A 157 16.08 5.82 11.03
CA THR A 157 15.13 6.67 10.33
C THR A 157 15.50 6.79 8.85
N ALA A 158 15.94 5.68 8.26
CA ALA A 158 16.36 5.68 6.87
C ALA A 158 15.14 5.87 5.96
N GLN A 159 15.26 6.84 5.04
CA GLN A 159 14.24 7.18 4.06
C GLN A 159 14.65 6.75 2.65
N ASP A 160 15.97 6.68 2.40
CA ASP A 160 16.50 6.43 1.08
C ASP A 160 17.31 5.14 1.15
N ILE A 161 16.93 4.10 0.38
CA ILE A 161 17.58 2.81 0.48
C ILE A 161 19.03 2.87 -0.04
N LEU A 162 19.35 3.84 -0.90
CA LEU A 162 20.72 4.02 -1.37
C LEU A 162 21.59 4.67 -0.30
N GLN A 163 20.99 5.50 0.57
CA GLN A 163 21.71 6.05 1.70
C GLN A 163 22.07 4.93 2.69
N VAL A 164 21.17 3.95 2.84
CA VAL A 164 21.44 2.83 3.73
C VAL A 164 22.72 2.12 3.27
N ARG A 165 22.82 1.85 1.96
CA ARG A 165 24.01 1.18 1.44
C ARG A 165 25.25 2.07 1.63
N CYS A 166 25.14 3.36 1.25
CA CYS A 166 26.20 4.35 1.46
C CYS A 166 26.65 4.41 2.94
N ALA A 167 25.69 4.50 3.87
CA ALA A 167 26.01 4.67 5.28
C ALA A 167 26.59 3.41 5.91
N VAL A 168 26.12 2.22 5.45
CA VAL A 168 26.66 0.96 5.93
C VAL A 168 28.14 0.84 5.56
N LEU A 169 28.50 1.20 4.33
CA LEU A 169 29.87 1.10 3.87
C LEU A 169 30.78 2.10 4.59
N ALA A 170 30.31 3.37 4.66
CA ALA A 170 30.99 4.42 5.40
C ALA A 170 31.30 4.02 6.84
N VAL A 171 30.27 3.49 7.54
CA VAL A 171 30.39 3.11 8.93
C VAL A 171 31.34 1.91 9.06
N ARG A 172 31.26 0.95 8.13
CA ARG A 172 32.17 -0.18 8.16
C ARG A 172 33.63 0.27 7.96
N GLU A 173 33.87 1.36 7.20
CA GLU A 173 35.24 1.81 6.95
C GLU A 173 35.76 2.61 8.13
N ALA A 174 34.88 3.34 8.81
CA ALA A 174 35.24 3.99 10.06
C ALA A 174 35.68 2.95 11.08
N MET A 175 34.98 1.82 11.15
CA MET A 175 35.40 0.71 11.99
C MET A 175 36.82 0.23 11.66
N ALA A 176 37.14 0.12 10.37
CA ALA A 176 38.47 -0.28 9.91
C ALA A 176 39.53 0.74 10.31
N GLU A 177 39.23 2.04 10.11
CA GLU A 177 40.17 3.13 10.37
C GLU A 177 40.62 3.15 11.84
N VAL A 178 39.67 3.09 12.78
CA VAL A 178 39.92 3.17 14.21
C VAL A 178 40.17 1.79 14.81
N GLY A 179 40.09 0.74 13.96
CA GLY A 179 40.47 -0.60 14.36
C GLY A 179 39.54 -1.18 15.44
N ARG A 180 38.23 -0.93 15.28
CA ARG A 180 37.25 -1.44 16.20
C ARG A 180 35.96 -1.77 15.45
N GLU A 181 35.55 -3.05 15.44
CA GLU A 181 34.25 -3.43 14.91
C GLU A 181 33.22 -3.47 16.03
N VAL A 182 31.98 -3.12 15.67
CA VAL A 182 30.84 -3.30 16.54
C VAL A 182 29.68 -3.78 15.67
N PRO A 183 28.60 -4.35 16.26
CA PRO A 183 27.41 -4.69 15.50
C PRO A 183 26.84 -3.46 14.81
N LEU A 184 26.23 -3.69 13.64
CA LEU A 184 25.60 -2.61 12.88
C LEU A 184 24.10 -2.87 12.82
N GLN A 185 23.32 -1.96 13.38
CA GLN A 185 21.87 -1.99 13.31
C GLN A 185 21.40 -0.94 12.32
N VAL A 186 20.52 -1.33 11.39
CA VAL A 186 19.98 -0.41 10.40
C VAL A 186 18.47 -0.42 10.50
N GLN A 187 17.88 0.78 10.72
CA GLN A 187 16.44 0.91 10.87
C GLN A 187 15.92 1.85 9.79
N VAL A 188 14.94 1.37 9.00
CA VAL A 188 14.31 2.21 7.98
C VAL A 188 13.07 2.86 8.59
N THR A 189 12.49 3.83 7.87
CA THR A 189 11.24 4.45 8.25
C THR A 189 10.22 4.33 7.14
N PHE A 190 9.10 3.63 7.42
CA PHE A 190 7.98 3.47 6.49
C PHE A 190 6.96 4.56 6.77
N GLU A 191 6.70 5.38 5.75
CA GLU A 191 5.67 6.41 5.80
C GLU A 191 4.31 5.73 5.90
N ALA A 192 3.30 6.50 6.34
CA ALA A 192 1.94 6.03 6.50
C ALA A 192 1.38 5.53 5.17
N THR A 193 1.91 6.07 4.06
CA THR A 193 1.55 5.60 2.72
C THR A 193 1.96 4.14 2.50
N GLY A 194 2.98 3.65 3.19
CA GLY A 194 3.27 2.21 3.19
C GLY A 194 4.67 1.88 2.64
N THR A 195 5.37 2.90 2.15
CA THR A 195 6.74 2.76 1.69
C THR A 195 7.63 3.79 2.35
N MET A 196 8.93 3.62 2.16
CA MET A 196 9.90 4.63 2.53
C MET A 196 9.63 5.87 1.67
N LEU A 197 10.15 7.02 2.11
CA LEU A 197 9.85 8.31 1.50
C LEU A 197 10.21 8.30 0.01
N VAL A 198 11.31 7.64 -0.37
CA VAL A 198 11.78 7.74 -1.74
C VAL A 198 11.08 6.71 -2.62
N GLY A 199 10.42 5.71 -2.00
CA GLY A 199 9.48 4.81 -2.69
C GLY A 199 9.60 3.32 -2.31
N THR A 200 10.62 2.93 -1.52
CA THR A 200 10.98 1.55 -1.27
C THR A 200 9.95 0.86 -0.36
N ASP A 201 9.37 -0.26 -0.83
CA ASP A 201 8.46 -1.06 -0.03
C ASP A 201 9.27 -1.96 0.90
N GLU A 202 8.59 -2.70 1.79
CA GLU A 202 9.28 -3.42 2.84
C GLU A 202 10.03 -4.64 2.28
N GLN A 203 9.57 -5.19 1.14
CA GLN A 203 10.23 -6.32 0.50
C GLN A 203 11.56 -5.87 -0.10
N ALA A 204 11.55 -4.72 -0.81
CA ALA A 204 12.74 -4.10 -1.37
C ALA A 204 13.74 -3.70 -0.29
N ALA A 205 13.25 -3.18 0.84
CA ALA A 205 14.10 -2.71 1.91
C ALA A 205 14.81 -3.89 2.57
N LEU A 206 14.08 -4.99 2.80
CA LEU A 206 14.67 -6.14 3.45
C LEU A 206 15.62 -6.87 2.50
N ALA A 207 15.25 -6.98 1.23
CA ALA A 207 16.15 -7.52 0.20
C ALA A 207 17.48 -6.74 0.17
N ALA A 208 17.40 -5.40 0.25
CA ALA A 208 18.61 -4.58 0.24
C ALA A 208 19.43 -4.84 1.50
N LEU A 209 18.77 -4.94 2.65
CA LEU A 209 19.47 -5.05 3.93
C LEU A 209 20.11 -6.43 4.09
N GLU A 210 19.47 -7.47 3.57
CA GLU A 210 19.96 -8.83 3.71
C GLU A 210 21.26 -9.06 2.93
N SER A 211 21.49 -8.31 1.86
CA SER A 211 22.70 -8.44 1.08
C SER A 211 23.90 -7.72 1.74
N LEU A 212 23.66 -6.75 2.64
CA LEU A 212 24.68 -5.94 3.28
C LEU A 212 25.04 -6.52 4.66
N PRO A 213 26.21 -6.16 5.23
CA PRO A 213 26.64 -6.70 6.52
C PRO A 213 26.02 -6.02 7.74
N VAL A 214 24.72 -6.30 7.93
CA VAL A 214 23.88 -5.66 8.93
C VAL A 214 23.45 -6.76 9.89
N ASP A 215 23.57 -6.51 11.20
CA ASP A 215 23.35 -7.54 12.22
C ASP A 215 21.92 -7.47 12.75
N VAL A 216 21.33 -6.27 12.72
CA VAL A 216 19.97 -6.04 13.21
C VAL A 216 19.28 -5.10 12.25
N VAL A 217 18.12 -5.53 11.71
CA VAL A 217 17.31 -4.70 10.83
C VAL A 217 16.08 -4.25 11.60
N GLY A 218 15.40 -3.19 11.12
CA GLY A 218 14.25 -2.71 11.87
C GLY A 218 13.61 -1.44 11.34
N MET A 219 12.79 -0.84 12.19
CA MET A 219 11.78 0.15 11.86
C MET A 219 11.75 1.21 12.95
N ASN A 220 11.64 2.50 12.59
CA ASN A 220 11.34 3.50 13.60
C ASN A 220 10.68 4.71 12.96
N CYS A 221 9.90 5.40 13.80
CA CYS A 221 9.34 6.71 13.52
C CYS A 221 8.23 6.63 12.45
N ALA A 222 7.72 7.81 12.05
CA ALA A 222 6.72 8.01 11.00
C ALA A 222 5.29 7.70 11.46
N THR A 223 5.09 6.50 12.02
CA THR A 223 3.78 6.04 12.43
C THR A 223 3.83 5.41 13.80
N GLY A 224 2.65 5.29 14.42
CA GLY A 224 2.51 4.53 15.65
C GLY A 224 2.55 3.04 15.34
N PRO A 225 2.37 2.17 16.36
CA PRO A 225 2.47 0.72 16.14
C PRO A 225 1.37 0.12 15.29
N ASP A 226 0.21 0.80 15.22
CA ASP A 226 -0.94 0.41 14.42
C ASP A 226 -0.54 0.16 12.96
N LEU A 227 0.13 1.16 12.35
CA LEU A 227 0.54 1.09 10.96
C LEU A 227 1.84 0.31 10.79
N MET A 228 2.64 0.15 11.85
CA MET A 228 3.89 -0.59 11.79
C MET A 228 3.64 -2.09 11.73
N ASP A 229 2.54 -2.52 12.36
CA ASP A 229 2.24 -3.93 12.55
C ASP A 229 2.60 -4.72 11.29
N SER A 230 2.10 -4.31 10.12
CA SER A 230 2.26 -5.10 8.92
C SER A 230 3.73 -5.17 8.51
N LYS A 231 4.48 -4.07 8.70
CA LYS A 231 5.86 -3.98 8.26
C LYS A 231 6.79 -4.76 9.19
N VAL A 232 6.54 -4.64 10.50
CA VAL A 232 7.33 -5.33 11.50
C VAL A 232 7.05 -6.83 11.46
N ARG A 233 5.82 -7.21 11.10
CA ARG A 233 5.47 -8.61 10.89
C ARG A 233 6.29 -9.17 9.74
N TYR A 234 6.44 -8.39 8.65
CA TYR A 234 7.22 -8.85 7.51
C TYR A 234 8.68 -9.08 7.89
N PHE A 235 9.32 -8.07 8.48
CA PHE A 235 10.70 -8.19 8.91
C PHE A 235 10.87 -9.37 9.86
N ALA A 236 10.00 -9.50 10.86
CA ALA A 236 10.14 -10.53 11.87
C ALA A 236 10.06 -11.94 11.28
N GLU A 237 9.21 -12.11 10.28
CA GLU A 237 8.94 -13.42 9.70
C GLU A 237 10.02 -13.84 8.70
N HIS A 238 10.61 -12.89 7.97
CA HIS A 238 11.51 -13.19 6.86
C HIS A 238 13.00 -12.93 7.14
N SER A 239 13.34 -11.95 7.99
CA SER A 239 14.72 -11.50 8.13
C SER A 239 15.55 -12.55 8.86
N THR A 240 16.76 -12.81 8.35
CA THR A 240 17.72 -13.69 8.99
C THR A 240 18.47 -12.96 10.10
N ARG A 241 18.38 -11.62 10.09
CA ARG A 241 18.97 -10.79 11.12
C ARG A 241 17.97 -10.64 12.26
N PHE A 242 18.44 -10.09 13.38
CA PHE A 242 17.56 -9.66 14.46
C PHE A 242 16.73 -8.45 14.02
N VAL A 243 15.58 -8.29 14.67
CA VAL A 243 14.59 -7.31 14.24
C VAL A 243 14.32 -6.32 15.38
N SER A 244 14.33 -5.01 15.06
CA SER A 244 13.99 -3.96 16.03
C SER A 244 12.79 -3.15 15.58
N CYS A 245 12.13 -2.51 16.54
CA CYS A 245 10.91 -1.79 16.30
C CYS A 245 10.74 -0.65 17.31
N LEU A 246 10.67 0.59 16.80
CA LEU A 246 10.51 1.77 17.66
C LEU A 246 9.46 2.70 17.07
N PRO A 247 8.14 2.49 17.33
CA PRO A 247 7.11 3.38 16.82
C PRO A 247 7.04 4.73 17.51
N ASN A 248 6.41 5.69 16.81
CA ASN A 248 5.92 6.94 17.36
C ASN A 248 4.83 6.68 18.37
N ALA A 249 4.41 7.75 19.06
CA ALA A 249 3.21 7.78 19.86
C ALA A 249 2.00 8.29 19.05
N GLY A 250 1.93 7.86 17.79
CA GLY A 250 0.87 8.23 16.88
C GLY A 250 0.99 9.67 16.40
N LEU A 251 -0.08 10.17 15.78
CA LEU A 251 -0.13 11.52 15.21
C LEU A 251 -0.14 12.55 16.33
N PRO A 252 0.61 13.67 16.18
CA PRO A 252 0.62 14.73 17.18
C PRO A 252 -0.62 15.60 17.14
N ARG A 253 -0.88 16.27 18.25
CA ARG A 253 -2.08 17.06 18.49
C ARG A 253 -1.65 18.33 19.23
N ASN A 254 -2.16 19.48 18.78
CA ASN A 254 -1.80 20.77 19.39
C ASN A 254 -2.65 20.97 20.64
N GLU A 255 -2.02 21.39 21.75
CA GLU A 255 -2.74 21.66 22.99
C GLU A 255 -2.12 22.87 23.69
N GLY A 256 -2.62 24.06 23.33
CA GLY A 256 -2.11 25.32 23.85
C GLY A 256 -0.64 25.51 23.49
N GLY A 257 -0.33 25.31 22.19
CA GLY A 257 0.99 25.57 21.64
C GLY A 257 2.04 24.52 22.01
N ARG A 258 1.65 23.57 22.86
CA ARG A 258 2.44 22.42 23.23
C ARG A 258 1.98 21.24 22.36
N VAL A 259 2.92 20.55 21.70
CA VAL A 259 2.59 19.38 20.91
C VAL A 259 2.41 18.19 21.85
N VAL A 260 1.31 17.45 21.65
CA VAL A 260 0.87 16.38 22.53
C VAL A 260 0.63 15.12 21.70
N TYR A 261 0.94 13.95 22.29
CA TYR A 261 0.68 12.65 21.67
C TYR A 261 -0.21 11.82 22.58
N ASP A 262 -1.10 10.99 21.99
CA ASP A 262 -2.16 10.30 22.73
C ASP A 262 -1.85 8.81 22.99
N LEU A 263 -0.89 8.24 22.27
CA LEU A 263 -0.52 6.84 22.47
C LEU A 263 0.09 6.73 23.88
N THR A 264 -0.57 5.93 24.73
CA THR A 264 -0.20 5.81 26.12
C THR A 264 0.90 4.78 26.29
N PRO A 265 1.63 4.79 27.42
CA PRO A 265 2.55 3.70 27.74
C PRO A 265 1.94 2.30 27.69
N GLU A 266 0.70 2.17 28.16
CA GLU A 266 0.07 0.87 28.35
C GLU A 266 -0.35 0.31 26.98
N GLU A 267 -0.71 1.18 26.04
CA GLU A 267 -1.02 0.72 24.70
C GLU A 267 0.27 0.32 23.99
N LEU A 268 1.31 1.18 24.05
CA LEU A 268 2.58 0.83 23.45
C LEU A 268 3.07 -0.53 23.97
N ALA A 269 2.92 -0.75 25.28
CA ALA A 269 3.36 -1.98 25.93
C ALA A 269 2.66 -3.19 25.33
N LYS A 270 1.36 -3.06 25.08
CA LYS A 270 0.57 -4.15 24.53
C LYS A 270 1.02 -4.44 23.09
N TRP A 271 1.31 -3.38 22.32
CA TRP A 271 1.77 -3.55 20.96
C TRP A 271 3.14 -4.25 20.94
N HIS A 272 4.07 -3.81 21.78
CA HIS A 272 5.39 -4.42 21.82
C HIS A 272 5.36 -5.85 22.37
N LEU A 273 4.45 -6.14 23.32
CA LEU A 273 4.22 -7.51 23.77
C LEU A 273 3.80 -8.40 22.59
N LYS A 274 2.92 -7.91 21.70
CA LYS A 274 2.53 -8.68 20.53
C LYS A 274 3.75 -8.89 19.64
N PHE A 275 4.48 -7.80 19.38
CA PHE A 275 5.61 -7.85 18.46
C PHE A 275 6.70 -8.80 18.97
N VAL A 276 6.88 -8.90 20.29
CA VAL A 276 7.89 -9.79 20.86
C VAL A 276 7.33 -11.21 20.97
N ALA A 277 6.14 -11.38 21.53
CA ALA A 277 5.62 -12.70 21.86
C ALA A 277 5.06 -13.43 20.62
N GLU A 278 4.34 -12.72 19.75
CA GLU A 278 3.83 -13.33 18.53
C GLU A 278 4.85 -13.34 17.38
N TYR A 279 5.36 -12.17 17.00
CA TYR A 279 6.21 -12.02 15.82
C TYR A 279 7.70 -12.37 16.09
N GLY A 280 8.17 -12.28 17.35
CA GLY A 280 9.54 -12.61 17.72
C GLY A 280 10.55 -11.47 17.48
N VAL A 281 10.09 -10.22 17.58
CA VAL A 281 10.94 -9.06 17.48
C VAL A 281 11.89 -9.09 18.67
N ASN A 282 13.12 -8.58 18.45
CA ASN A 282 14.24 -8.78 19.36
C ASN A 282 14.55 -7.53 20.19
N ALA A 283 14.33 -6.35 19.62
CA ALA A 283 14.53 -5.10 20.35
C ALA A 283 13.31 -4.22 20.13
N VAL A 284 12.90 -3.51 21.18
CA VAL A 284 11.72 -2.66 21.13
C VAL A 284 11.98 -1.37 21.89
N GLY A 285 11.50 -0.27 21.34
CA GLY A 285 11.61 1.02 21.99
C GLY A 285 10.53 1.99 21.50
N GLY A 286 10.77 3.27 21.78
CA GLY A 286 9.87 4.34 21.39
C GLY A 286 10.61 5.37 20.55
N CYS A 287 9.82 6.08 19.73
CA CYS A 287 10.33 7.18 18.92
C CYS A 287 9.57 8.45 19.29
N CYS A 288 9.28 9.36 18.32
CA CYS A 288 8.71 10.67 18.65
C CYS A 288 7.45 10.52 19.48
N GLY A 289 7.36 11.25 20.61
CA GLY A 289 6.17 11.23 21.43
C GLY A 289 6.37 10.43 22.72
N THR A 290 7.29 9.45 22.68
CA THR A 290 7.45 8.51 23.76
C THR A 290 8.43 9.08 24.79
N GLY A 291 8.22 8.67 26.05
CA GLY A 291 9.01 9.16 27.17
C GLY A 291 9.36 8.01 28.11
N PRO A 292 10.06 8.28 29.21
CA PRO A 292 10.42 7.23 30.18
C PRO A 292 9.28 6.32 30.65
N GLU A 293 8.07 6.86 30.76
CA GLU A 293 6.93 6.07 31.21
C GLU A 293 6.55 5.03 30.17
N HIS A 294 6.65 5.41 28.88
CA HIS A 294 6.39 4.47 27.80
C HIS A 294 7.36 3.31 27.93
N ILE A 295 8.65 3.61 28.14
CA ILE A 295 9.67 2.59 28.22
C ILE A 295 9.45 1.71 29.45
N ARG A 296 9.03 2.32 30.56
CA ARG A 296 8.80 1.59 31.81
C ARG A 296 7.79 0.45 31.61
N LYS A 297 6.64 0.75 30.99
CA LYS A 297 5.57 -0.21 30.77
C LYS A 297 5.94 -1.26 29.73
N VAL A 298 6.70 -0.85 28.72
CA VAL A 298 7.18 -1.76 27.68
C VAL A 298 8.12 -2.80 28.32
N ALA A 299 9.06 -2.32 29.15
CA ALA A 299 10.03 -3.20 29.77
C ALA A 299 9.30 -4.24 30.60
N GLU A 300 8.33 -3.80 31.41
CA GLU A 300 7.56 -4.67 32.28
C GLU A 300 6.84 -5.74 31.45
N ALA A 301 6.36 -5.37 30.26
CA ALA A 301 5.56 -6.27 29.45
C ALA A 301 6.42 -7.37 28.84
N VAL A 302 7.63 -7.02 28.38
CA VAL A 302 8.46 -7.93 27.59
C VAL A 302 9.54 -8.59 28.45
N LYS A 303 9.62 -8.29 29.74
CA LYS A 303 10.64 -8.88 30.60
C LYS A 303 10.33 -10.35 30.81
N GLY A 304 11.36 -11.21 30.68
CA GLY A 304 11.24 -12.64 30.90
C GLY A 304 10.98 -13.43 29.62
N LEU A 305 10.40 -12.82 28.58
CA LEU A 305 9.99 -13.54 27.39
C LEU A 305 11.21 -14.16 26.72
N ALA A 306 11.03 -15.37 26.18
CA ALA A 306 12.10 -16.11 25.53
C ALA A 306 12.14 -15.73 24.05
N PRO A 307 13.28 -15.24 23.52
CA PRO A 307 13.35 -14.91 22.09
C PRO A 307 13.12 -16.12 21.20
N LYS A 308 12.41 -15.89 20.10
CA LYS A 308 12.29 -16.84 19.02
C LYS A 308 13.60 -16.82 18.21
N PRO A 309 14.07 -17.97 17.69
CA PRO A 309 15.23 -18.01 16.79
C PRO A 309 14.92 -17.47 15.40
N ARG A 310 15.89 -16.83 14.78
CA ARG A 310 15.68 -16.20 13.49
C ARG A 310 15.72 -17.26 12.39
N PRO A 311 14.99 -17.08 11.26
CA PRO A 311 15.13 -17.92 10.07
C PRO A 311 16.59 -18.07 9.61
N GLU A 312 16.95 -19.31 9.20
CA GLU A 312 18.29 -19.65 8.75
C GLU A 312 18.60 -18.99 7.41
N SER A 313 17.60 -18.90 6.52
CA SER A 313 17.84 -18.47 5.15
C SER A 313 16.83 -17.41 4.70
N PHE A 314 17.30 -16.62 3.72
CA PHE A 314 16.49 -15.61 3.05
C PHE A 314 16.42 -15.99 1.58
N PRO A 315 15.21 -16.01 0.96
CA PRO A 315 15.11 -16.29 -0.48
C PRO A 315 15.96 -15.34 -1.30
N PRO A 316 16.74 -15.84 -2.29
CA PRO A 316 17.54 -14.97 -3.16
C PRO A 316 16.64 -14.03 -3.94
N GLN A 317 16.87 -12.72 -3.80
CA GLN A 317 16.05 -11.74 -4.48
C GLN A 317 16.80 -10.42 -4.64
N VAL A 318 16.36 -9.70 -5.66
CA VAL A 318 16.97 -8.50 -6.16
C VAL A 318 15.95 -7.39 -5.89
N ALA A 319 16.36 -6.12 -5.93
CA ALA A 319 15.44 -5.03 -5.68
C ALA A 319 15.84 -3.78 -6.44
N SER A 320 14.83 -3.05 -6.92
CA SER A 320 14.94 -1.69 -7.44
C SER A 320 14.81 -0.72 -6.28
N LEU A 321 14.60 0.56 -6.60
CA LEU A 321 14.28 1.57 -5.60
C LEU A 321 12.92 1.29 -4.95
N TYR A 322 12.03 0.59 -5.67
CA TYR A 322 10.64 0.42 -5.26
C TYR A 322 10.35 -0.98 -4.74
N GLN A 323 10.69 -2.02 -5.50
CA GLN A 323 10.13 -3.34 -5.30
C GLN A 323 11.19 -4.42 -5.39
N ALA A 324 10.90 -5.56 -4.75
CA ALA A 324 11.77 -6.73 -4.80
C ALA A 324 11.29 -7.66 -5.92
N VAL A 325 12.20 -8.51 -6.38
CA VAL A 325 11.93 -9.51 -7.39
C VAL A 325 12.79 -10.71 -7.02
N SER A 326 12.18 -11.91 -6.96
CA SER A 326 12.98 -13.10 -6.64
C SER A 326 13.76 -13.56 -7.87
N LEU A 327 14.99 -14.01 -7.62
CA LEU A 327 15.87 -14.53 -8.66
C LEU A 327 15.38 -15.89 -9.16
N LYS A 328 14.82 -16.71 -8.25
CA LYS A 328 14.17 -17.96 -8.63
C LYS A 328 12.70 -17.65 -8.86
N GLN A 329 12.30 -17.65 -10.13
CA GLN A 329 10.92 -17.51 -10.56
C GLN A 329 10.35 -18.91 -10.81
N GLU A 330 9.24 -19.23 -10.13
CA GLU A 330 8.77 -20.60 -10.01
C GLU A 330 8.10 -21.00 -11.32
N ALA A 331 8.55 -22.14 -11.89
CA ALA A 331 8.14 -22.65 -13.20
C ALA A 331 8.87 -21.91 -14.31
N SER A 332 8.75 -20.57 -14.32
CA SER A 332 9.32 -19.68 -15.31
C SER A 332 10.83 -19.46 -15.09
N LEU A 333 11.35 -18.34 -15.63
CA LEU A 333 12.74 -17.89 -15.48
C LEU A 333 12.75 -16.43 -15.03
N PHE A 334 13.90 -15.99 -14.49
CA PHE A 334 14.16 -14.57 -14.23
C PHE A 334 14.66 -13.88 -15.49
N LEU A 335 13.74 -13.25 -16.23
CA LEU A 335 14.04 -12.61 -17.51
C LEU A 335 14.69 -11.24 -17.30
N VAL A 336 15.89 -11.06 -17.87
CA VAL A 336 16.60 -9.78 -17.92
C VAL A 336 16.46 -9.20 -19.32
N GLY A 337 15.89 -8.01 -19.46
CA GLY A 337 15.75 -7.36 -20.77
C GLY A 337 17.11 -6.93 -21.30
N GLU A 338 17.31 -7.07 -22.62
CA GLU A 338 18.62 -6.92 -23.24
C GLU A 338 18.77 -5.59 -23.97
N ARG A 339 17.65 -4.87 -24.23
CA ARG A 339 17.59 -3.83 -25.24
C ARG A 339 18.20 -2.50 -24.80
N LEU A 340 18.66 -2.38 -23.54
CA LEU A 340 19.46 -1.23 -23.15
C LEU A 340 20.93 -1.66 -23.19
N ASN A 341 21.37 -2.11 -24.38
CA ASN A 341 22.76 -2.46 -24.65
C ASN A 341 23.20 -1.62 -25.83
N ALA A 342 24.42 -1.08 -25.76
CA ALA A 342 24.96 -0.21 -26.81
C ALA A 342 25.33 -1.03 -28.04
N THR A 343 26.17 -2.06 -27.85
CA THR A 343 26.63 -2.91 -28.93
C THR A 343 25.47 -3.71 -29.53
N GLY A 344 24.58 -4.22 -28.68
CA GLY A 344 23.46 -5.04 -29.10
C GLY A 344 22.37 -4.22 -29.80
N SER A 345 21.63 -3.42 -29.02
CA SER A 345 20.48 -2.68 -29.54
C SER A 345 20.95 -1.41 -30.25
N LYS A 346 20.28 -1.10 -31.37
CA LYS A 346 20.61 0.03 -32.23
C LYS A 346 19.75 1.22 -31.84
N ARG A 347 18.52 0.96 -31.41
CA ARG A 347 17.56 1.99 -31.04
C ARG A 347 18.04 2.70 -29.78
N PHE A 348 18.59 1.92 -28.83
CA PHE A 348 19.10 2.45 -27.58
C PHE A 348 20.36 3.27 -27.85
N ARG A 349 21.23 2.72 -28.72
CA ARG A 349 22.52 3.31 -29.09
C ARG A 349 22.32 4.74 -29.59
N GLU A 350 21.38 4.93 -30.51
CA GLU A 350 21.16 6.25 -31.10
C GLU A 350 20.44 7.17 -30.12
N MET A 351 19.56 6.61 -29.28
CA MET A 351 18.86 7.36 -28.23
C MET A 351 19.84 7.85 -27.15
N LEU A 352 20.83 7.02 -26.85
CA LEU A 352 21.85 7.37 -25.87
C LEU A 352 22.74 8.52 -26.37
N PHE A 353 23.13 8.49 -27.64
CA PHE A 353 24.04 9.48 -28.22
C PHE A 353 23.33 10.83 -28.36
N ALA A 354 22.06 10.79 -28.75
CA ALA A 354 21.23 11.98 -28.88
C ALA A 354 20.73 12.50 -27.55
N ARG A 355 20.98 11.77 -26.43
CA ARG A 355 20.49 12.16 -25.10
C ARG A 355 18.95 12.29 -25.11
N ASP A 356 18.29 11.24 -25.59
CA ASP A 356 16.83 11.16 -25.66
C ASP A 356 16.38 10.35 -24.45
N LEU A 357 16.14 11.03 -23.33
CA LEU A 357 15.82 10.37 -22.08
C LEU A 357 14.45 9.70 -22.20
N GLU A 358 13.46 10.45 -22.69
CA GLU A 358 12.08 9.96 -22.75
C GLU A 358 11.96 8.76 -23.69
N GLY A 359 12.87 8.67 -24.65
CA GLY A 359 12.98 7.50 -25.51
C GLY A 359 13.52 6.28 -24.77
N ILE A 360 14.56 6.49 -23.97
CA ILE A 360 15.23 5.41 -23.24
C ILE A 360 14.30 4.88 -22.16
N LEU A 361 13.61 5.77 -21.44
CA LEU A 361 12.71 5.34 -20.38
C LEU A 361 11.51 4.60 -20.97
N ALA A 362 10.98 5.09 -22.10
CA ALA A 362 9.87 4.46 -22.81
C ALA A 362 10.24 3.06 -23.28
N LEU A 363 11.50 2.91 -23.75
CA LEU A 363 12.04 1.63 -24.16
C LEU A 363 12.16 0.71 -22.95
N ALA A 364 12.54 1.25 -21.79
CA ALA A 364 12.67 0.47 -20.58
C ALA A 364 11.29 0.02 -20.08
N ARG A 365 10.27 0.88 -20.24
CA ARG A 365 8.91 0.52 -19.90
C ARG A 365 8.40 -0.62 -20.78
N GLU A 366 8.69 -0.55 -22.09
CA GLU A 366 8.27 -1.55 -23.06
C GLU A 366 8.75 -2.95 -22.62
N GLN A 367 10.03 -3.04 -22.25
CA GLN A 367 10.64 -4.29 -21.86
C GLN A 367 9.94 -4.85 -20.62
N VAL A 368 9.57 -3.97 -19.69
CA VAL A 368 8.92 -4.36 -18.44
C VAL A 368 7.51 -4.86 -18.74
N GLU A 369 6.75 -4.14 -19.57
CA GLU A 369 5.41 -4.55 -19.96
C GLU A 369 5.44 -5.92 -20.67
N GLU A 370 6.47 -6.14 -21.51
CA GLU A 370 6.64 -7.36 -22.27
C GLU A 370 7.16 -8.54 -21.42
N GLY A 371 7.53 -8.29 -20.15
CA GLY A 371 7.72 -9.34 -19.17
C GLY A 371 9.13 -9.48 -18.59
N ALA A 372 9.96 -8.44 -18.74
CA ALA A 372 11.25 -8.38 -18.10
C ALA A 372 11.11 -8.17 -16.60
N HIS A 373 11.86 -8.97 -15.84
CA HIS A 373 11.91 -8.93 -14.39
C HIS A 373 13.04 -8.01 -13.91
N ALA A 374 14.08 -7.86 -14.75
CA ALA A 374 15.13 -6.85 -14.59
C ALA A 374 15.58 -6.36 -15.96
N LEU A 375 16.49 -5.37 -16.01
CA LEU A 375 17.01 -4.80 -17.25
C LEU A 375 18.54 -4.79 -17.24
N ASP A 376 19.14 -5.29 -18.33
CA ASP A 376 20.59 -5.20 -18.58
C ASP A 376 20.90 -3.77 -19.01
N LEU A 377 22.07 -3.26 -18.61
CA LEU A 377 22.50 -1.90 -18.98
C LEU A 377 23.97 -1.93 -19.42
N SER A 378 24.24 -1.59 -20.69
CA SER A 378 25.58 -1.45 -21.24
C SER A 378 25.62 -0.23 -22.15
N VAL A 379 26.57 0.68 -21.86
CA VAL A 379 26.74 1.91 -22.62
C VAL A 379 28.17 1.99 -23.18
N ALA A 380 28.91 0.88 -23.12
CA ALA A 380 30.31 0.82 -23.50
C ALA A 380 30.39 0.79 -25.03
N TRP A 381 30.65 1.96 -25.62
CA TRP A 381 30.83 2.11 -27.05
C TRP A 381 32.32 2.34 -27.36
N THR A 382 32.70 2.06 -28.62
CA THR A 382 34.03 2.33 -29.14
C THR A 382 34.21 3.84 -29.23
N GLY A 383 35.18 4.37 -28.45
CA GLY A 383 35.45 5.80 -28.40
C GLY A 383 34.94 6.47 -27.13
N ARG A 384 33.61 6.44 -26.93
CA ARG A 384 32.91 7.28 -25.95
C ARG A 384 33.38 6.97 -24.53
N ASP A 385 33.22 7.98 -23.65
CA ASP A 385 33.50 7.84 -22.23
C ASP A 385 32.33 7.10 -21.59
N GLU A 386 32.62 5.91 -21.03
CA GLU A 386 31.62 5.04 -20.43
C GLU A 386 31.07 5.71 -19.16
N LEU A 387 31.99 6.21 -18.32
CA LEU A 387 31.64 6.87 -17.06
C LEU A 387 30.71 8.07 -17.32
N GLU A 388 30.98 8.83 -18.39
CA GLU A 388 30.25 10.06 -18.66
C GLU A 388 28.82 9.77 -19.09
N ASP A 389 28.61 8.72 -19.91
CA ASP A 389 27.27 8.32 -20.33
C ASP A 389 26.46 7.80 -19.15
N LEU A 390 27.11 7.04 -18.26
CA LEU A 390 26.50 6.54 -17.04
C LEU A 390 26.09 7.69 -16.12
N ARG A 391 26.97 8.70 -15.97
CA ARG A 391 26.72 9.83 -15.08
C ARG A 391 25.48 10.60 -15.53
N TRP A 392 25.27 10.68 -16.86
CA TRP A 392 24.10 11.34 -17.41
C TRP A 392 22.84 10.52 -17.12
N LEU A 393 22.92 9.21 -17.42
CA LEU A 393 21.74 8.37 -17.55
C LEU A 393 21.28 7.82 -16.21
N LEU A 394 22.23 7.42 -15.34
CA LEU A 394 21.89 6.61 -14.17
C LEU A 394 20.99 7.36 -13.19
N PRO A 395 21.18 8.67 -12.92
CA PRO A 395 20.30 9.41 -12.01
C PRO A 395 18.82 9.30 -12.36
N HIS A 396 18.52 9.17 -13.67
CA HIS A 396 17.16 9.11 -14.15
C HIS A 396 16.63 7.69 -14.01
N LEU A 397 17.49 6.70 -14.26
CA LEU A 397 17.08 5.30 -14.13
C LEU A 397 16.79 4.95 -12.66
N ALA A 398 17.56 5.54 -11.75
CA ALA A 398 17.44 5.28 -10.32
C ALA A 398 15.98 5.40 -9.86
N THR A 399 15.33 6.48 -10.31
CA THR A 399 14.00 6.86 -9.83
C THR A 399 12.92 6.45 -10.82
N ALA A 400 13.27 6.29 -12.11
CA ALA A 400 12.31 5.95 -13.15
C ALA A 400 11.96 4.47 -13.13
N LEU A 401 12.96 3.60 -12.95
CA LEU A 401 12.80 2.17 -13.17
C LEU A 401 12.03 1.49 -12.03
N THR A 402 11.06 0.65 -12.41
CA THR A 402 10.31 -0.22 -11.51
C THR A 402 11.14 -1.45 -11.14
N VAL A 403 11.89 -1.96 -12.11
CA VAL A 403 12.60 -3.23 -11.97
C VAL A 403 14.08 -2.93 -11.72
N PRO A 404 14.85 -3.90 -11.20
CA PRO A 404 16.28 -3.70 -10.95
C PRO A 404 17.10 -3.71 -12.24
N VAL A 405 18.40 -3.47 -12.06
CA VAL A 405 19.30 -3.25 -13.15
C VAL A 405 20.42 -4.29 -13.08
N MET A 406 20.83 -4.79 -14.24
CA MET A 406 22.05 -5.58 -14.36
C MET A 406 23.08 -4.70 -15.06
N VAL A 407 24.08 -4.25 -14.31
CA VAL A 407 25.11 -3.36 -14.84
C VAL A 407 26.07 -4.21 -15.67
N ASP A 408 26.03 -4.05 -17.00
CA ASP A 408 26.85 -4.80 -17.93
C ASP A 408 28.00 -3.91 -18.40
N SER A 409 29.22 -4.20 -17.89
CA SER A 409 30.40 -3.43 -18.24
C SER A 409 31.64 -4.26 -17.98
N THR A 410 32.64 -4.10 -18.86
CA THR A 410 33.95 -4.71 -18.66
C THR A 410 34.77 -3.93 -17.65
N SER A 411 34.52 -2.61 -17.48
CA SER A 411 35.24 -1.76 -16.56
C SER A 411 34.70 -1.89 -15.14
N PRO A 412 35.51 -2.27 -14.13
CA PRO A 412 35.12 -2.12 -12.73
C PRO A 412 34.87 -0.68 -12.25
N GLU A 413 35.52 0.31 -12.89
CA GLU A 413 35.32 1.70 -12.51
C GLU A 413 33.89 2.10 -12.86
N ALA A 414 33.43 1.69 -14.05
CA ALA A 414 32.07 1.94 -14.50
C ALA A 414 31.06 1.22 -13.60
N MET A 415 31.40 0.02 -13.11
CA MET A 415 30.55 -0.74 -12.21
C MET A 415 30.44 0.01 -10.89
N GLU A 416 31.56 0.39 -10.29
CA GLU A 416 31.57 1.07 -9.01
C GLU A 416 30.77 2.37 -9.10
N LEU A 417 30.90 3.08 -10.22
CA LEU A 417 30.16 4.32 -10.43
C LEU A 417 28.67 4.01 -10.44
N ALA A 418 28.28 2.94 -11.15
CA ALA A 418 26.88 2.54 -11.27
C ALA A 418 26.28 2.22 -9.89
N LEU A 419 27.04 1.56 -9.03
CA LEU A 419 26.59 1.16 -7.73
C LEU A 419 26.32 2.36 -6.83
N LYS A 420 26.95 3.51 -7.13
CA LYS A 420 26.79 4.71 -6.32
C LYS A 420 25.54 5.50 -6.73
N TYR A 421 24.92 5.16 -7.87
CA TYR A 421 23.72 5.83 -8.35
C TYR A 421 22.46 4.98 -8.21
N LEU A 422 22.60 3.64 -8.31
CA LEU A 422 21.48 2.72 -8.48
C LEU A 422 21.02 2.19 -7.13
N PRO A 423 19.82 2.58 -6.63
CA PRO A 423 19.32 2.09 -5.33
C PRO A 423 18.83 0.64 -5.37
N GLY A 424 18.87 -0.04 -4.23
CA GLY A 424 18.34 -1.38 -4.16
C GLY A 424 19.45 -2.41 -4.11
N ARG A 425 19.19 -3.56 -4.76
CA ARG A 425 20.17 -4.63 -4.92
C ARG A 425 20.33 -4.91 -6.40
N VAL A 426 21.54 -4.69 -6.90
CA VAL A 426 21.86 -4.67 -8.32
C VAL A 426 22.46 -6.02 -8.71
N LEU A 427 22.56 -6.27 -10.02
CA LEU A 427 23.39 -7.36 -10.55
C LEU A 427 24.59 -6.77 -11.33
N LEU A 428 25.73 -7.47 -11.25
CA LEU A 428 26.92 -7.15 -12.03
C LEU A 428 27.26 -8.25 -13.04
N ASN A 429 27.56 -7.86 -14.30
CA ASN A 429 27.60 -8.82 -15.41
C ASN A 429 28.98 -9.44 -15.60
N SER A 430 30.00 -8.60 -15.68
CA SER A 430 31.31 -9.13 -15.97
C SER A 430 32.04 -9.49 -14.68
N ALA A 431 31.96 -10.74 -14.24
CA ALA A 431 32.96 -11.30 -13.33
C ALA A 431 33.63 -12.51 -13.99
N ASN A 432 34.83 -12.30 -14.57
CA ASN A 432 35.52 -13.32 -15.33
C ASN A 432 37.04 -13.16 -15.22
N LEU A 433 37.76 -14.24 -15.55
CA LEU A 433 39.19 -14.33 -15.35
C LEU A 433 39.93 -14.17 -16.68
N GLU A 434 39.40 -13.33 -17.58
CA GLU A 434 40.06 -13.02 -18.84
C GLU A 434 41.38 -12.29 -18.60
N ASP A 435 41.38 -11.23 -17.76
CA ASP A 435 42.58 -10.50 -17.40
C ASP A 435 43.00 -10.83 -15.96
N GLY A 436 43.15 -12.13 -15.66
CA GLY A 436 43.78 -12.59 -14.43
C GLY A 436 42.90 -12.43 -13.19
N LEU A 437 43.45 -12.80 -12.04
CA LEU A 437 42.74 -12.79 -10.75
C LEU A 437 42.42 -11.37 -10.30
N GLU A 438 43.35 -10.43 -10.44
CA GLU A 438 43.27 -9.16 -9.73
C GLU A 438 42.11 -8.30 -10.26
N ARG A 439 41.67 -8.50 -11.51
CA ARG A 439 40.50 -7.81 -12.06
C ARG A 439 39.21 -8.61 -11.87
N PHE A 440 39.33 -9.92 -11.65
CA PHE A 440 38.20 -10.75 -11.24
C PHE A 440 37.87 -10.43 -9.78
N ASP A 441 38.90 -10.42 -8.92
CA ASP A 441 38.77 -10.14 -7.50
C ASP A 441 38.27 -8.72 -7.24
N ARG A 442 38.51 -7.81 -8.19
CA ARG A 442 38.10 -6.43 -8.03
C ARG A 442 36.57 -6.36 -8.07
N VAL A 443 35.99 -6.95 -9.12
CA VAL A 443 34.54 -6.99 -9.34
C VAL A 443 33.81 -7.82 -8.28
N ALA A 444 34.44 -8.89 -7.79
CA ALA A 444 33.86 -9.75 -6.78
C ALA A 444 33.74 -9.01 -5.45
N SER A 445 34.83 -8.38 -5.00
CA SER A 445 34.83 -7.63 -3.74
C SER A 445 33.86 -6.46 -3.83
N LEU A 446 33.68 -5.90 -5.02
CA LEU A 446 32.72 -4.85 -5.28
C LEU A 446 31.28 -5.38 -5.15
N ALA A 447 31.02 -6.60 -5.62
CA ALA A 447 29.72 -7.25 -5.49
C ALA A 447 29.44 -7.66 -4.05
N LYS A 448 30.49 -8.06 -3.32
CA LYS A 448 30.36 -8.46 -1.92
C LYS A 448 30.08 -7.23 -1.06
N ALA A 449 30.78 -6.12 -1.33
CA ALA A 449 30.73 -4.95 -0.48
C ALA A 449 29.39 -4.26 -0.63
N HIS A 450 28.94 -4.07 -1.89
CA HIS A 450 27.64 -3.47 -2.17
C HIS A 450 26.48 -4.47 -2.06
N GLY A 451 26.78 -5.75 -1.82
CA GLY A 451 25.74 -6.78 -1.73
C GLY A 451 25.03 -7.06 -3.06
N ALA A 452 25.72 -6.88 -4.19
CA ALA A 452 25.13 -7.17 -5.49
C ALA A 452 25.16 -8.67 -5.77
N ALA A 453 24.23 -9.12 -6.61
CA ALA A 453 24.30 -10.43 -7.23
C ALA A 453 25.29 -10.35 -8.38
N LEU A 454 26.10 -11.41 -8.54
CA LEU A 454 27.20 -11.43 -9.49
C LEU A 454 26.90 -12.44 -10.59
N VAL A 455 27.09 -12.01 -11.84
CA VAL A 455 27.15 -12.93 -12.97
C VAL A 455 28.59 -13.40 -13.16
N VAL A 456 28.82 -14.71 -12.97
CA VAL A 456 30.14 -15.31 -13.05
C VAL A 456 30.28 -15.94 -14.44
N LEU A 457 30.90 -15.19 -15.37
CA LEU A 457 31.10 -15.64 -16.74
C LEU A 457 32.32 -16.56 -16.84
N ALA A 458 32.20 -17.62 -17.67
CA ALA A 458 33.15 -18.73 -17.69
C ALA A 458 34.22 -18.50 -18.77
N ILE A 459 35.12 -17.56 -18.49
CA ILE A 459 36.25 -17.20 -19.35
C ILE A 459 37.47 -17.09 -18.43
N ASP A 460 38.46 -17.96 -18.68
CA ASP A 460 39.69 -18.03 -17.90
C ASP A 460 40.77 -17.28 -18.68
N GLU A 461 42.00 -17.31 -18.15
CA GLU A 461 43.14 -16.61 -18.72
C GLU A 461 43.41 -17.10 -20.16
N LYS A 462 43.53 -18.43 -20.31
CA LYS A 462 43.77 -19.08 -21.59
C LYS A 462 42.47 -19.22 -22.37
N GLY A 463 41.97 -18.10 -22.92
CA GLY A 463 40.77 -18.06 -23.77
C GLY A 463 39.47 -18.42 -23.03
N MET A 464 38.41 -18.63 -23.83
CA MET A 464 37.06 -18.93 -23.37
C MET A 464 36.90 -20.43 -23.12
N ALA A 465 35.77 -20.80 -22.49
CA ALA A 465 35.39 -22.19 -22.29
C ALA A 465 34.32 -22.55 -23.33
N LYS A 466 34.65 -23.49 -24.23
CA LYS A 466 33.80 -23.83 -25.36
C LYS A 466 33.18 -25.21 -25.15
N THR A 467 33.96 -26.16 -24.62
CA THR A 467 33.48 -27.52 -24.44
C THR A 467 32.82 -27.66 -23.08
N ARG A 468 32.24 -28.84 -22.82
CA ARG A 468 31.60 -29.17 -21.56
C ARG A 468 32.66 -29.18 -20.46
N GLU A 469 33.76 -29.91 -20.68
CA GLU A 469 34.79 -30.11 -19.67
C GLU A 469 35.34 -28.74 -19.23
N GLU A 470 35.54 -27.84 -20.20
CA GLU A 470 36.13 -26.53 -19.93
C GLU A 470 35.19 -25.68 -19.06
N LYS A 471 33.94 -25.56 -19.52
CA LYS A 471 32.88 -24.81 -18.85
C LYS A 471 32.75 -25.22 -17.40
N VAL A 472 32.86 -26.53 -17.12
CA VAL A 472 32.79 -27.04 -15.77
C VAL A 472 34.02 -26.62 -14.97
N ARG A 473 35.22 -26.82 -15.50
CA ARG A 473 36.47 -26.62 -14.77
C ARG A 473 36.64 -25.14 -14.39
N VAL A 474 36.30 -24.24 -15.33
CA VAL A 474 36.37 -22.80 -15.11
C VAL A 474 35.40 -22.36 -14.01
N ALA A 475 34.15 -22.87 -14.06
CA ALA A 475 33.10 -22.55 -13.11
C ALA A 475 33.43 -22.99 -11.68
N LEU A 476 34.06 -24.15 -11.51
CA LEU A 476 34.40 -24.65 -10.18
C LEU A 476 35.55 -23.85 -9.59
N ARG A 477 36.51 -23.43 -10.43
CA ARG A 477 37.63 -22.62 -9.98
C ARG A 477 37.14 -21.26 -9.50
N MET A 478 36.18 -20.68 -10.26
CA MET A 478 35.57 -19.39 -9.93
C MET A 478 34.68 -19.49 -8.69
N TYR A 479 33.86 -20.54 -8.59
CA TYR A 479 33.03 -20.80 -7.41
C TYR A 479 33.90 -20.91 -6.15
N GLU A 480 35.06 -21.56 -6.27
CA GLU A 480 35.95 -21.73 -5.13
C GLU A 480 36.48 -20.37 -4.69
N ARG A 481 36.85 -19.51 -5.66
CA ARG A 481 37.40 -18.19 -5.40
C ARG A 481 36.36 -17.30 -4.72
N LEU A 482 35.13 -17.31 -5.28
CA LEU A 482 34.06 -16.42 -4.86
C LEU A 482 33.53 -16.79 -3.48
N THR A 483 33.49 -18.09 -3.16
CA THR A 483 32.98 -18.54 -1.87
C THR A 483 34.05 -18.46 -0.78
N GLU A 484 35.23 -19.04 -1.01
CA GLU A 484 36.22 -19.20 0.05
C GLU A 484 36.97 -17.90 0.34
N HIS A 485 37.44 -17.20 -0.70
CA HIS A 485 38.16 -15.95 -0.52
C HIS A 485 37.18 -14.81 -0.19
N HIS A 486 36.25 -14.54 -1.13
CA HIS A 486 35.41 -13.35 -1.11
C HIS A 486 34.21 -13.48 -0.17
N GLY A 487 33.78 -14.71 0.14
CA GLY A 487 32.72 -14.92 1.11
C GLY A 487 31.32 -14.76 0.53
N LEU A 488 31.18 -14.65 -0.81
CA LEU A 488 29.88 -14.57 -1.46
C LEU A 488 29.15 -15.90 -1.31
N ARG A 489 27.85 -15.81 -1.03
CA ARG A 489 27.01 -16.99 -0.85
C ARG A 489 26.73 -17.55 -2.24
N PRO A 490 26.56 -18.89 -2.40
CA PRO A 490 26.15 -19.47 -3.68
C PRO A 490 24.91 -18.84 -4.32
N GLU A 491 23.93 -18.48 -3.48
CA GLU A 491 22.68 -17.87 -3.93
C GLU A 491 22.94 -16.53 -4.62
N ASP A 492 24.04 -15.85 -4.25
CA ASP A 492 24.43 -14.57 -4.83
C ASP A 492 24.90 -14.71 -6.28
N LEU A 493 25.36 -15.90 -6.71
CA LEU A 493 26.08 -16.10 -7.97
C LEU A 493 25.15 -16.61 -9.07
N LEU A 494 25.29 -16.06 -10.27
CA LEU A 494 24.64 -16.55 -11.48
C LEU A 494 25.70 -16.89 -12.55
N PHE A 495 26.02 -18.18 -12.71
CA PHE A 495 27.09 -18.64 -13.61
C PHE A 495 26.65 -18.62 -15.07
N ASP A 496 27.32 -17.81 -15.89
CA ASP A 496 27.08 -17.77 -17.34
C ASP A 496 28.11 -18.68 -18.01
N LEU A 497 27.68 -19.90 -18.34
CA LEU A 497 28.41 -20.77 -19.25
C LEU A 497 28.07 -20.28 -20.66
N LEU A 498 29.08 -20.05 -21.50
CA LEU A 498 28.91 -19.10 -22.59
C LEU A 498 27.87 -19.60 -23.60
N THR A 499 27.27 -18.67 -24.34
CA THR A 499 26.28 -18.96 -25.36
C THR A 499 26.77 -18.51 -26.73
N PHE A 500 27.29 -19.45 -27.54
CA PHE A 500 27.89 -19.13 -28.82
C PHE A 500 26.89 -19.27 -29.97
N PRO A 501 27.09 -18.56 -31.10
CA PRO A 501 26.20 -18.72 -32.27
C PRO A 501 26.44 -20.07 -32.95
N ILE A 502 25.35 -20.74 -33.35
CA ILE A 502 25.39 -22.07 -33.95
C ILE A 502 24.88 -22.01 -35.40
N THR A 503 24.64 -20.80 -35.91
CA THR A 503 24.07 -20.58 -37.23
C THR A 503 25.09 -19.83 -38.08
N GLN A 504 24.71 -19.40 -39.30
CA GLN A 504 25.52 -18.63 -40.24
C GLN A 504 26.05 -19.55 -41.35
N GLY A 505 25.91 -20.88 -41.19
CA GLY A 505 26.31 -21.85 -42.21
C GLY A 505 27.67 -22.49 -41.92
N ASP A 506 28.35 -21.97 -40.87
CA ASP A 506 29.67 -22.43 -40.47
C ASP A 506 29.59 -23.69 -39.61
N GLU A 507 30.56 -24.61 -39.78
CA GLU A 507 30.76 -25.73 -38.87
C GLU A 507 31.73 -25.29 -37.78
N GLU A 508 31.83 -26.12 -36.71
CA GLU A 508 32.50 -25.81 -35.46
C GLU A 508 31.52 -25.06 -34.55
N SER A 509 30.67 -24.23 -35.17
CA SER A 509 29.54 -23.58 -34.53
C SER A 509 28.27 -24.30 -34.96
N ARG A 510 27.62 -25.00 -34.02
CA ARG A 510 26.49 -25.90 -34.30
C ARG A 510 26.46 -27.01 -33.24
N PRO A 511 27.63 -27.43 -32.68
CA PRO A 511 27.68 -28.26 -31.48
C PRO A 511 27.99 -27.56 -30.15
N LEU A 512 27.96 -26.22 -30.12
CA LEU A 512 28.36 -25.44 -28.96
C LEU A 512 27.17 -25.10 -28.05
N ALA A 513 25.98 -24.93 -28.65
CA ALA A 513 24.76 -24.69 -27.89
C ALA A 513 24.45 -25.87 -27.00
N LYS A 514 24.91 -27.07 -27.41
CA LYS A 514 24.68 -28.33 -26.72
C LYS A 514 25.71 -28.52 -25.60
N GLU A 515 26.97 -28.13 -25.80
CA GLU A 515 27.97 -28.28 -24.74
C GLU A 515 27.69 -27.34 -23.57
N THR A 516 26.97 -26.23 -23.82
CA THR A 516 26.45 -25.36 -22.76
C THR A 516 25.43 -26.12 -21.91
N LEU A 517 24.42 -26.70 -22.59
CA LEU A 517 23.33 -27.42 -21.96
C LEU A 517 23.84 -28.59 -21.12
N LEU A 518 24.88 -29.28 -21.61
CA LEU A 518 25.37 -30.47 -20.92
C LEU A 518 26.16 -30.04 -19.68
N ALA A 519 26.90 -28.94 -19.80
CA ALA A 519 27.72 -28.45 -18.68
C ALA A 519 26.81 -27.87 -17.60
N MET A 520 25.68 -27.29 -18.03
CA MET A 520 24.70 -26.71 -17.12
C MET A 520 24.13 -27.79 -16.21
N GLU A 521 23.84 -28.98 -16.75
CA GLU A 521 23.36 -30.10 -15.95
C GLU A 521 24.36 -30.48 -14.87
N GLU A 522 25.63 -30.63 -15.25
CA GLU A 522 26.63 -31.14 -14.32
C GLU A 522 26.81 -30.17 -13.15
N LEU A 523 26.84 -28.86 -13.46
CA LEU A 523 27.04 -27.84 -12.44
C LEU A 523 25.78 -27.61 -11.59
N ARG A 524 24.58 -27.85 -12.16
CA ARG A 524 23.35 -27.84 -11.39
C ARG A 524 23.42 -28.83 -10.22
N GLU A 525 23.91 -30.05 -10.51
CA GLU A 525 24.02 -31.11 -9.53
C GLU A 525 25.19 -30.84 -8.57
N ARG A 526 26.30 -30.30 -9.08
CA ARG A 526 27.53 -30.19 -8.29
C ARG A 526 27.50 -28.92 -7.43
N LEU A 527 27.00 -27.81 -7.99
CA LEU A 527 26.86 -26.55 -7.29
C LEU A 527 25.39 -26.23 -6.98
N PRO A 528 24.79 -26.79 -5.90
CA PRO A 528 23.42 -26.45 -5.54
C PRO A 528 23.35 -25.06 -4.91
N GLY A 529 22.30 -24.29 -5.27
CA GLY A 529 22.09 -22.96 -4.72
C GLY A 529 22.31 -21.86 -5.75
N VAL A 530 23.25 -22.08 -6.67
CA VAL A 530 23.72 -21.07 -7.59
C VAL A 530 22.68 -20.91 -8.68
N GLY A 531 22.74 -19.79 -9.41
CA GLY A 531 21.87 -19.57 -10.56
C GLY A 531 22.66 -19.75 -11.85
N PHE A 532 21.94 -19.67 -12.98
CA PHE A 532 22.48 -19.90 -14.30
C PHE A 532 21.81 -18.93 -15.28
N VAL A 533 22.62 -18.06 -15.89
CA VAL A 533 22.14 -17.09 -16.85
C VAL A 533 22.85 -17.35 -18.16
N LEU A 534 22.17 -17.00 -19.28
CA LEU A 534 22.70 -17.10 -20.62
C LEU A 534 22.27 -15.88 -21.43
N GLY A 535 23.20 -15.40 -22.28
CA GLY A 535 22.88 -14.46 -23.33
C GLY A 535 22.21 -15.18 -24.50
N VAL A 536 20.90 -15.36 -24.39
CA VAL A 536 20.21 -16.39 -25.17
C VAL A 536 20.14 -16.00 -26.63
N SER A 537 20.10 -14.69 -26.93
CA SER A 537 19.88 -14.23 -28.30
C SER A 537 21.12 -14.50 -29.16
N ASN A 538 22.26 -14.81 -28.55
CA ASN A 538 23.52 -15.00 -29.27
C ASN A 538 23.56 -16.34 -30.03
N VAL A 539 22.71 -17.33 -29.69
CA VAL A 539 22.73 -18.62 -30.37
C VAL A 539 22.35 -18.46 -31.84
N SER A 540 21.42 -17.54 -32.14
CA SER A 540 20.90 -17.40 -33.48
C SER A 540 21.51 -16.17 -34.18
N PHE A 541 22.74 -15.78 -33.78
CA PHE A 541 23.42 -14.60 -34.32
C PHE A 541 23.80 -14.88 -35.77
N GLY A 542 23.14 -14.17 -36.69
CA GLY A 542 23.32 -14.38 -38.12
C GLY A 542 22.20 -15.23 -38.69
N LEU A 543 20.96 -14.73 -38.60
CA LEU A 543 19.78 -15.41 -39.10
C LEU A 543 18.64 -14.42 -39.28
N LYS A 544 17.67 -14.83 -40.10
CA LYS A 544 16.50 -14.05 -40.43
C LYS A 544 15.69 -13.77 -39.15
N PRO A 545 14.87 -12.70 -39.10
CA PRO A 545 14.18 -12.31 -37.86
C PRO A 545 13.29 -13.40 -37.24
N ARG A 546 12.41 -14.01 -38.07
CA ARG A 546 11.45 -15.03 -37.65
C ARG A 546 12.19 -16.28 -37.17
N ALA A 547 13.33 -16.58 -37.80
CA ALA A 547 14.12 -17.76 -37.52
C ALA A 547 14.78 -17.63 -36.15
N ARG A 548 15.34 -16.45 -35.86
CA ARG A 548 16.03 -16.22 -34.61
C ARG A 548 15.04 -16.27 -33.45
N ARG A 549 13.82 -15.73 -33.68
CA ARG A 549 12.76 -15.70 -32.69
C ARG A 549 12.48 -17.13 -32.21
N VAL A 550 12.29 -18.07 -33.15
CA VAL A 550 11.95 -19.46 -32.85
C VAL A 550 13.14 -20.18 -32.20
N LEU A 551 14.33 -20.10 -32.78
CA LEU A 551 15.48 -20.83 -32.25
C LEU A 551 15.81 -20.34 -30.84
N ASN A 552 15.65 -19.03 -30.58
CA ASN A 552 15.90 -18.46 -29.26
C ASN A 552 14.92 -19.03 -28.24
N SER A 553 13.61 -19.00 -28.58
CA SER A 553 12.55 -19.59 -27.75
C SER A 553 12.83 -21.04 -27.35
N VAL A 554 13.35 -21.85 -28.28
CA VAL A 554 13.57 -23.27 -28.05
C VAL A 554 14.81 -23.50 -27.21
N PHE A 555 15.87 -22.75 -27.47
CA PHE A 555 17.09 -22.90 -26.70
C PHE A 555 16.85 -22.46 -25.26
N LEU A 556 16.02 -21.42 -25.08
CA LEU A 556 15.62 -20.97 -23.75
C LEU A 556 14.97 -22.10 -22.97
N ASP A 557 13.96 -22.72 -23.60
CA ASP A 557 13.20 -23.81 -23.00
C ASP A 557 14.08 -25.01 -22.65
N GLU A 558 15.01 -25.33 -23.53
CA GLU A 558 15.91 -26.46 -23.30
C GLU A 558 16.88 -26.14 -22.17
N ALA A 559 17.33 -24.88 -22.10
CA ALA A 559 18.25 -24.46 -21.06
C ALA A 559 17.56 -24.54 -19.70
N ARG A 560 16.27 -24.15 -19.67
CA ARG A 560 15.47 -24.24 -18.46
C ARG A 560 15.45 -25.67 -17.92
N LYS A 561 15.23 -26.66 -18.80
CA LYS A 561 15.19 -28.06 -18.41
C LYS A 561 16.54 -28.54 -17.87
N ARG A 562 17.63 -27.92 -18.34
CA ARG A 562 18.98 -28.29 -17.89
C ARG A 562 19.37 -27.53 -16.62
N GLY A 563 18.57 -26.54 -16.19
CA GLY A 563 18.76 -25.91 -14.88
C GLY A 563 18.91 -24.39 -14.92
N LEU A 564 18.46 -23.75 -16.01
CA LEU A 564 18.58 -22.32 -16.17
C LEU A 564 17.55 -21.64 -15.27
N THR A 565 17.99 -20.56 -14.60
CA THR A 565 17.16 -19.81 -13.67
C THR A 565 16.99 -18.36 -14.12
N ALA A 566 17.83 -17.87 -15.03
CA ALA A 566 17.72 -16.52 -15.55
C ALA A 566 18.17 -16.50 -17.00
N ALA A 567 17.80 -15.45 -17.72
CA ALA A 567 18.14 -15.34 -19.13
C ALA A 567 18.04 -13.89 -19.58
N ILE A 568 19.04 -13.45 -20.35
CA ILE A 568 19.06 -12.13 -20.94
C ILE A 568 18.40 -12.26 -22.30
N VAL A 569 17.24 -11.60 -22.48
CA VAL A 569 16.36 -11.81 -23.61
C VAL A 569 15.68 -10.50 -24.03
N ASP A 570 15.03 -10.53 -25.20
CA ASP A 570 14.00 -9.58 -25.59
C ASP A 570 12.68 -10.25 -25.26
N ALA A 571 12.13 -9.86 -24.11
CA ALA A 571 11.00 -10.56 -23.51
C ALA A 571 9.80 -10.54 -24.44
N GLY A 572 9.67 -9.48 -25.26
CA GLY A 572 8.54 -9.33 -26.17
C GLY A 572 8.49 -10.41 -27.25
N LYS A 573 9.66 -10.89 -27.67
CA LYS A 573 9.76 -11.81 -28.79
C LYS A 573 9.69 -13.27 -28.34
N ILE A 574 9.97 -13.59 -27.05
CA ILE A 574 10.03 -14.97 -26.54
C ILE A 574 8.68 -15.64 -26.70
N LEU A 575 8.68 -16.77 -27.43
CA LEU A 575 7.48 -17.54 -27.73
C LEU A 575 7.40 -18.71 -26.77
N PRO A 576 6.18 -19.07 -26.31
CA PRO A 576 5.98 -20.39 -25.72
C PRO A 576 6.08 -21.40 -26.86
N ILE A 577 6.68 -22.57 -26.57
CA ILE A 577 6.93 -23.59 -27.57
C ILE A 577 5.61 -24.11 -28.16
N SER A 578 4.49 -23.98 -27.43
CA SER A 578 3.20 -24.38 -27.95
C SER A 578 2.90 -23.64 -29.25
N GLN A 579 3.20 -22.33 -29.30
CA GLN A 579 2.81 -21.49 -30.43
C GLN A 579 3.78 -21.61 -31.61
N ILE A 580 5.00 -22.07 -31.39
CA ILE A 580 5.88 -22.50 -32.47
C ILE A 580 5.23 -23.67 -33.24
N PRO A 581 5.08 -23.60 -34.58
CA PRO A 581 4.62 -24.75 -35.37
C PRO A 581 5.57 -25.94 -35.29
N GLU A 582 4.98 -27.14 -35.53
CA GLU A 582 5.56 -28.40 -35.07
C GLU A 582 6.87 -28.70 -35.80
N GLU A 583 6.90 -28.41 -37.13
CA GLU A 583 8.07 -28.65 -37.96
C GLU A 583 9.25 -27.80 -37.48
N ALA A 584 8.97 -26.51 -37.23
CA ALA A 584 9.97 -25.56 -36.78
C ALA A 584 10.60 -25.98 -35.46
N TYR A 585 9.74 -26.36 -34.49
CA TYR A 585 10.19 -26.77 -33.16
C TYR A 585 11.18 -27.92 -33.29
N ALA A 586 10.76 -28.96 -34.04
CA ALA A 586 11.56 -30.18 -34.20
C ALA A 586 12.92 -29.87 -34.83
N LEU A 587 12.89 -29.03 -35.89
CA LEU A 587 14.11 -28.63 -36.58
C LEU A 587 15.01 -27.79 -35.68
N ALA A 588 14.42 -26.92 -34.85
CA ALA A 588 15.18 -26.11 -33.91
C ALA A 588 15.99 -26.98 -32.95
N LEU A 589 15.34 -28.06 -32.45
CA LEU A 589 16.02 -29.00 -31.56
C LEU A 589 17.15 -29.75 -32.28
N ASP A 590 16.88 -30.22 -33.53
CA ASP A 590 17.88 -30.91 -34.33
C ASP A 590 19.11 -30.03 -34.50
N LEU A 591 18.87 -28.73 -34.73
CA LEU A 591 19.93 -27.75 -34.88
C LEU A 591 20.72 -27.59 -33.56
N ILE A 592 20.01 -27.41 -32.44
CA ILE A 592 20.65 -27.16 -31.16
C ILE A 592 21.53 -28.35 -30.78
N TYR A 593 21.00 -29.58 -30.94
CA TYR A 593 21.70 -30.78 -30.49
C TYR A 593 22.59 -31.39 -31.58
N ASP A 594 22.56 -30.81 -32.80
CA ASP A 594 23.49 -31.12 -33.89
C ASP A 594 23.23 -32.55 -34.39
N ARG A 595 22.05 -32.74 -34.97
CA ARG A 595 21.58 -34.06 -35.38
C ARG A 595 21.65 -34.13 -36.90
N ARG A 596 22.89 -34.24 -37.39
CA ARG A 596 23.18 -34.41 -38.80
C ARG A 596 23.09 -35.89 -39.15
N LYS A 597 22.04 -36.25 -39.91
CA LYS A 597 22.00 -37.50 -40.64
C LYS A 597 22.77 -37.26 -41.95
N GLU A 598 22.82 -38.27 -42.83
CA GLU A 598 23.62 -38.15 -44.04
C GLU A 598 23.00 -37.13 -44.98
N GLY A 599 21.70 -37.32 -45.32
CA GLY A 599 21.02 -36.47 -46.29
C GLY A 599 20.21 -35.35 -45.66
N PHE A 600 20.78 -34.74 -44.60
CA PHE A 600 20.06 -33.83 -43.72
C PHE A 600 21.07 -32.95 -42.97
N ASP A 601 20.94 -31.63 -43.22
CA ASP A 601 21.60 -30.59 -42.43
C ASP A 601 20.51 -29.80 -41.69
N PRO A 602 20.51 -29.75 -40.33
CA PRO A 602 19.43 -29.09 -39.60
C PRO A 602 19.40 -27.56 -39.79
N LEU A 603 20.60 -26.97 -39.98
CA LEU A 603 20.73 -25.56 -40.30
C LEU A 603 20.09 -25.19 -41.64
N LEU A 604 20.34 -25.97 -42.69
CA LEU A 604 19.68 -25.84 -43.98
C LEU A 604 18.16 -25.95 -43.82
N ALA A 605 17.69 -27.02 -43.15
CA ALA A 605 16.26 -27.32 -43.08
C ALA A 605 15.56 -26.27 -42.22
N PHE A 606 16.23 -25.81 -41.14
CA PHE A 606 15.69 -24.78 -40.28
C PHE A 606 15.58 -23.46 -41.04
N MET A 607 16.69 -23.02 -41.66
CA MET A 607 16.69 -21.87 -42.56
C MET A 607 15.60 -22.02 -43.62
N ALA A 608 15.55 -23.19 -44.28
CA ALA A 608 14.66 -23.42 -45.41
C ALA A 608 13.19 -23.35 -44.99
N TYR A 609 12.87 -23.69 -43.72
CA TYR A 609 11.49 -23.75 -43.25
C TYR A 609 10.84 -22.39 -43.47
N PHE A 610 11.51 -21.33 -43.02
CA PHE A 610 10.90 -20.00 -42.91
C PHE A 610 10.73 -19.35 -44.29
N GLU A 611 11.67 -19.62 -45.22
CA GLU A 611 11.45 -19.35 -46.64
C GLU A 611 10.27 -20.19 -47.12
N ALA A 612 9.31 -19.50 -47.78
CA ALA A 612 8.05 -20.08 -48.23
C ALA A 612 7.26 -20.68 -47.06
N HIS A 613 6.89 -19.83 -46.10
CA HIS A 613 6.13 -20.24 -44.91
C HIS A 613 5.65 -18.99 -44.15
N LYS A 614 5.13 -19.21 -42.93
CA LYS A 614 4.67 -18.13 -42.06
C LYS A 614 3.84 -17.13 -42.89
N ALA A 623 -3.57 -8.69 -32.13
CA ALA A 623 -4.69 -7.92 -31.56
C ALA A 623 -6.03 -8.44 -32.08
N PHE A 624 -7.13 -7.84 -31.59
CA PHE A 624 -8.48 -8.22 -31.95
C PHE A 624 -9.02 -7.35 -33.10
N LEU A 625 -8.16 -6.48 -33.66
CA LEU A 625 -8.56 -5.56 -34.74
C LEU A 625 -8.89 -6.33 -36.02
N ALA A 626 -8.26 -7.49 -36.21
CA ALA A 626 -8.52 -8.36 -37.35
C ALA A 626 -9.63 -9.36 -37.01
N LEU A 627 -10.84 -8.84 -36.80
CA LEU A 627 -12.03 -9.63 -36.52
C LEU A 627 -13.15 -9.21 -37.49
N PRO A 628 -14.32 -9.91 -37.49
CA PRO A 628 -15.51 -9.41 -38.19
C PRO A 628 -16.02 -8.09 -37.58
N LEU A 629 -16.55 -7.20 -38.42
CA LEU A 629 -17.02 -5.88 -38.01
C LEU A 629 -18.26 -6.02 -37.11
N LEU A 630 -19.11 -7.02 -37.40
CA LEU A 630 -20.27 -7.34 -36.56
C LEU A 630 -19.84 -7.67 -35.14
N GLU A 631 -18.93 -8.67 -35.00
CA GLU A 631 -18.55 -9.23 -33.72
C GLU A 631 -17.62 -8.27 -32.95
N ARG A 632 -16.88 -7.40 -33.65
CA ARG A 632 -15.92 -6.51 -33.02
C ARG A 632 -16.62 -5.43 -32.18
N LEU A 633 -17.77 -4.95 -32.67
CA LEU A 633 -18.58 -3.97 -31.94
C LEU A 633 -19.25 -4.59 -30.71
N LYS A 634 -19.51 -5.91 -30.74
CA LYS A 634 -20.04 -6.64 -29.59
C LYS A 634 -18.97 -6.77 -28.50
N ARG A 635 -17.74 -7.18 -28.88
CA ARG A 635 -16.65 -7.39 -27.94
C ARG A 635 -16.10 -6.06 -27.43
N ARG A 636 -16.35 -4.97 -28.17
CA ARG A 636 -16.02 -3.63 -27.72
C ARG A 636 -16.73 -3.35 -26.40
N VAL A 637 -18.00 -3.77 -26.28
CA VAL A 637 -18.82 -3.58 -25.09
C VAL A 637 -18.37 -4.53 -23.99
N VAL A 638 -18.28 -5.83 -24.32
CA VAL A 638 -17.99 -6.88 -23.35
C VAL A 638 -16.64 -6.61 -22.69
N GLU A 639 -15.61 -6.32 -23.50
CA GLU A 639 -14.26 -6.11 -22.98
C GLU A 639 -14.04 -4.67 -22.53
N GLY A 640 -15.04 -3.80 -22.70
CA GLY A 640 -15.01 -2.47 -22.13
C GLY A 640 -13.95 -1.57 -22.77
N ARG A 641 -13.86 -1.59 -24.11
CA ARG A 641 -12.82 -0.91 -24.85
C ARG A 641 -13.34 0.44 -25.38
N LYS A 642 -12.87 1.54 -24.76
CA LYS A 642 -13.30 2.88 -25.15
C LYS A 642 -12.64 3.31 -26.47
N GLN A 643 -11.34 2.98 -26.62
CA GLN A 643 -10.54 3.45 -27.74
C GLN A 643 -10.90 2.70 -29.02
N GLY A 644 -11.22 3.46 -30.08
CA GLY A 644 -11.55 2.88 -31.37
C GLY A 644 -13.03 2.49 -31.49
N LEU A 645 -13.89 3.07 -30.63
CA LEU A 645 -15.32 2.86 -30.73
C LEU A 645 -15.88 3.74 -31.84
N GLU A 646 -15.63 5.06 -31.72
CA GLU A 646 -16.17 6.07 -32.63
C GLU A 646 -15.58 5.88 -34.03
N ALA A 647 -14.36 5.35 -34.11
CA ALA A 647 -13.71 4.99 -35.38
C ALA A 647 -14.42 3.81 -36.05
N ASP A 648 -14.86 2.83 -35.25
CA ASP A 648 -15.52 1.64 -35.78
C ASP A 648 -17.00 1.90 -36.08
N LEU A 649 -17.60 2.87 -35.38
CA LEU A 649 -19.01 3.21 -35.58
C LEU A 649 -19.23 3.91 -36.93
N GLU A 650 -18.33 4.84 -37.29
CA GLU A 650 -18.42 5.54 -38.57
C GLU A 650 -18.11 4.59 -39.73
N GLU A 651 -17.29 3.55 -39.51
CA GLU A 651 -17.05 2.49 -40.49
C GLU A 651 -18.33 1.67 -40.72
N ALA A 652 -19.10 1.45 -39.65
CA ALA A 652 -20.36 0.73 -39.73
C ALA A 652 -21.42 1.56 -40.47
N LEU A 653 -21.47 2.87 -40.19
CA LEU A 653 -22.44 3.77 -40.82
C LEU A 653 -22.18 3.87 -42.32
N LYS A 654 -20.89 3.91 -42.74
CA LYS A 654 -20.52 3.99 -44.14
C LYS A 654 -20.89 2.72 -44.91
N ALA A 655 -20.95 1.57 -44.23
CA ALA A 655 -21.42 0.32 -44.82
C ALA A 655 -22.94 0.17 -44.71
N GLY A 656 -23.65 1.27 -44.43
CA GLY A 656 -25.10 1.35 -44.54
C GLY A 656 -25.85 0.70 -43.38
N HIS A 657 -25.19 0.56 -42.21
CA HIS A 657 -25.81 -0.07 -41.06
C HIS A 657 -26.67 0.96 -40.32
N LYS A 658 -27.96 0.65 -40.21
CA LYS A 658 -28.96 1.52 -39.62
C LYS A 658 -28.76 1.56 -38.11
N PRO A 659 -28.84 2.74 -37.44
CA PRO A 659 -28.50 2.87 -36.02
C PRO A 659 -29.24 1.95 -35.04
N LEU A 660 -30.52 1.67 -35.31
CA LEU A 660 -31.35 0.90 -34.40
C LEU A 660 -30.94 -0.58 -34.40
N ASP A 661 -30.74 -1.18 -35.58
CA ASP A 661 -30.35 -2.59 -35.67
C ASP A 661 -28.86 -2.77 -35.33
N LEU A 662 -28.10 -1.66 -35.32
CA LEU A 662 -26.73 -1.66 -34.82
C LEU A 662 -26.74 -1.70 -33.28
N ILE A 663 -27.59 -0.87 -32.66
CA ILE A 663 -27.78 -0.84 -31.21
C ILE A 663 -28.35 -2.17 -30.72
N ASN A 664 -29.45 -2.65 -31.34
CA ASN A 664 -30.14 -3.86 -30.92
C ASN A 664 -29.31 -5.10 -31.28
N GLY A 665 -28.45 -5.00 -32.29
CA GLY A 665 -27.64 -6.12 -32.73
C GLY A 665 -26.43 -6.34 -31.82
N PRO A 666 -25.20 -6.02 -32.27
CA PRO A 666 -24.00 -6.17 -31.44
C PRO A 666 -23.98 -5.59 -30.02
N LEU A 667 -24.50 -4.37 -29.85
CA LEU A 667 -24.25 -3.59 -28.64
C LEU A 667 -25.12 -4.10 -27.49
N LEU A 668 -26.40 -4.41 -27.76
CA LEU A 668 -27.26 -5.00 -26.74
C LEU A 668 -26.90 -6.48 -26.53
N ALA A 669 -26.33 -7.13 -27.55
CA ALA A 669 -25.80 -8.47 -27.40
C ALA A 669 -24.63 -8.49 -26.43
N GLY A 670 -23.79 -7.46 -26.47
CA GLY A 670 -22.67 -7.31 -25.55
C GLY A 670 -23.11 -7.13 -24.10
N MET A 671 -24.14 -6.30 -23.85
CA MET A 671 -24.61 -6.01 -22.51
C MET A 671 -25.40 -7.20 -21.94
N LYS A 672 -25.93 -8.06 -22.81
CA LYS A 672 -26.55 -9.30 -22.40
C LYS A 672 -25.47 -10.28 -21.93
N GLU A 673 -24.37 -10.39 -22.69
CA GLU A 673 -23.23 -11.23 -22.35
C GLU A 673 -22.61 -10.76 -21.04
N VAL A 674 -22.61 -9.44 -20.81
CA VAL A 674 -22.11 -8.85 -19.58
C VAL A 674 -23.02 -9.19 -18.41
N GLY A 675 -24.34 -9.18 -18.61
CA GLY A 675 -25.31 -9.56 -17.59
C GLY A 675 -25.20 -11.04 -17.21
N ASP A 676 -24.83 -11.88 -18.18
CA ASP A 676 -24.65 -13.31 -17.96
C ASP A 676 -23.34 -13.57 -17.21
N LEU A 677 -22.26 -12.91 -17.64
CA LEU A 677 -20.95 -13.06 -17.00
C LEU A 677 -21.02 -12.52 -15.57
N PHE A 678 -21.85 -11.52 -15.31
CA PHE A 678 -22.03 -10.97 -13.96
C PHE A 678 -22.79 -11.94 -13.07
N GLY A 679 -23.83 -12.59 -13.62
CA GLY A 679 -24.53 -13.67 -12.94
C GLY A 679 -23.61 -14.85 -12.60
N ALA A 680 -22.70 -15.19 -13.52
CA ALA A 680 -21.79 -16.32 -13.37
C ALA A 680 -20.54 -15.97 -12.56
N GLY A 681 -20.36 -14.69 -12.17
CA GLY A 681 -19.23 -14.26 -11.35
C GLY A 681 -17.87 -14.29 -12.07
N LYS A 682 -17.90 -14.25 -13.42
CA LYS A 682 -16.69 -14.18 -14.23
C LYS A 682 -16.30 -12.71 -14.44
N MET A 683 -17.29 -11.82 -14.32
CA MET A 683 -17.11 -10.38 -14.37
C MET A 683 -17.71 -9.77 -13.10
N GLN A 684 -17.03 -8.76 -12.53
CA GLN A 684 -17.52 -8.05 -11.36
C GLN A 684 -18.08 -6.67 -11.76
N LEU A 685 -18.81 -6.04 -10.82
CA LEU A 685 -19.62 -4.86 -11.06
C LEU A 685 -18.84 -3.69 -11.68
N PRO A 686 -17.62 -3.34 -11.26
CA PRO A 686 -16.92 -2.19 -11.84
C PRO A 686 -16.70 -2.33 -13.34
N PHE A 687 -16.34 -3.55 -13.77
CA PHE A 687 -16.16 -3.87 -15.17
C PHE A 687 -17.50 -3.89 -15.92
N VAL A 688 -18.60 -4.19 -15.23
CA VAL A 688 -19.91 -4.15 -15.85
C VAL A 688 -20.29 -2.70 -16.15
N LEU A 689 -19.96 -1.78 -15.23
CA LEU A 689 -20.17 -0.36 -15.45
C LEU A 689 -19.28 0.12 -16.58
N GLN A 690 -18.10 -0.47 -16.75
CA GLN A 690 -17.19 -0.11 -17.82
C GLN A 690 -17.80 -0.47 -19.18
N ALA A 691 -18.55 -1.58 -19.24
CA ALA A 691 -19.28 -1.99 -20.43
C ALA A 691 -20.41 -1.00 -20.72
N ALA A 692 -21.10 -0.55 -19.68
CA ALA A 692 -22.20 0.40 -19.80
C ALA A 692 -21.73 1.74 -20.33
N GLU A 693 -20.46 2.11 -20.05
CA GLU A 693 -19.86 3.32 -20.59
C GLU A 693 -19.67 3.20 -22.10
N VAL A 694 -19.22 2.04 -22.57
CA VAL A 694 -19.02 1.80 -23.99
C VAL A 694 -20.37 1.85 -24.72
N MET A 695 -21.42 1.31 -24.09
CA MET A 695 -22.76 1.36 -24.64
C MET A 695 -23.28 2.80 -24.69
N LYS A 696 -23.08 3.60 -23.63
CA LYS A 696 -23.57 4.97 -23.55
C LYS A 696 -22.80 5.87 -24.51
N ARG A 697 -21.51 5.59 -24.73
CA ARG A 697 -20.73 6.31 -25.72
C ARG A 697 -21.24 5.98 -27.13
N ALA A 698 -21.64 4.72 -27.36
CA ALA A 698 -22.12 4.26 -28.66
C ALA A 698 -23.48 4.88 -28.98
N VAL A 699 -24.38 4.94 -28.00
CA VAL A 699 -25.68 5.58 -28.15
C VAL A 699 -25.47 7.07 -28.49
N ALA A 700 -24.62 7.76 -27.72
CA ALA A 700 -24.43 9.19 -27.84
C ALA A 700 -23.85 9.59 -29.20
N TYR A 701 -23.04 8.73 -29.82
CA TYR A 701 -22.55 8.95 -31.18
C TYR A 701 -23.67 8.80 -32.22
N LEU A 702 -24.57 7.83 -32.01
CA LEU A 702 -25.60 7.46 -32.97
C LEU A 702 -26.86 8.31 -32.82
N GLU A 703 -26.95 9.17 -31.78
CA GLU A 703 -28.13 9.99 -31.53
C GLU A 703 -28.33 11.07 -32.60
N PRO A 704 -27.29 11.86 -32.98
CA PRO A 704 -27.42 12.78 -34.13
C PRO A 704 -27.54 12.13 -35.52
N HIS A 705 -27.17 10.84 -35.65
CA HIS A 705 -27.31 10.10 -36.89
C HIS A 705 -28.47 9.09 -36.79
N MET A 706 -29.66 9.58 -36.41
CA MET A 706 -30.87 8.76 -36.49
C MET A 706 -32.11 9.66 -36.52
N GLU A 707 -33.20 9.11 -37.09
CA GLU A 707 -34.48 9.80 -37.20
C GLU A 707 -35.55 9.14 -36.32
N LYS A 708 -35.24 7.97 -35.74
CA LYS A 708 -36.20 7.17 -35.00
C LYS A 708 -36.61 7.89 -33.71
N LYS A 709 -35.64 8.15 -32.82
CA LYS A 709 -35.88 8.73 -31.50
C LYS A 709 -36.82 7.83 -30.70
N GLY A 710 -36.51 6.53 -30.65
CA GLY A 710 -37.43 5.50 -30.20
C GLY A 710 -37.59 5.48 -28.67
N GLU A 711 -38.55 4.68 -28.20
CA GLU A 711 -38.87 4.57 -26.78
C GLU A 711 -38.13 3.39 -26.15
N GLY A 712 -37.34 2.65 -26.93
CA GLY A 712 -36.56 1.53 -26.43
C GLY A 712 -37.44 0.32 -26.10
N LYS A 713 -36.95 -0.56 -25.22
CA LYS A 713 -37.68 -1.73 -24.76
C LYS A 713 -38.88 -1.31 -23.90
N GLY A 714 -38.73 -0.22 -23.14
CA GLY A 714 -39.83 0.36 -22.37
C GLY A 714 -39.35 1.47 -21.44
N THR A 715 -40.31 2.23 -20.89
CA THR A 715 -40.04 3.38 -20.05
C THR A 715 -40.17 2.99 -18.57
N LEU A 716 -39.40 3.67 -17.71
CA LEU A 716 -39.43 3.51 -16.25
C LEU A 716 -39.22 4.87 -15.58
N VAL A 717 -40.16 5.23 -14.71
CA VAL A 717 -40.03 6.42 -13.88
C VAL A 717 -39.36 6.00 -12.57
N LEU A 718 -38.05 6.26 -12.49
CA LEU A 718 -37.23 5.97 -11.32
C LEU A 718 -37.09 7.23 -10.46
N ALA A 719 -37.11 7.03 -9.13
CA ALA A 719 -36.90 8.14 -8.20
C ALA A 719 -36.49 7.64 -6.82
N THR A 720 -35.89 8.54 -6.03
CA THR A 720 -35.54 8.32 -4.64
C THR A 720 -36.52 9.11 -3.76
N VAL A 721 -36.90 8.50 -2.63
CA VAL A 721 -38.04 8.89 -1.83
C VAL A 721 -37.74 10.17 -1.04
N LYS A 722 -38.81 10.84 -0.58
CA LYS A 722 -38.74 12.04 0.23
C LYS A 722 -37.97 11.78 1.52
N GLY A 723 -37.13 12.76 1.88
CA GLY A 723 -36.36 12.74 3.12
C GLY A 723 -35.29 11.65 3.11
N ASP A 724 -34.68 11.45 1.92
CA ASP A 724 -33.58 10.51 1.74
C ASP A 724 -32.36 11.28 1.27
N VAL A 725 -31.29 10.55 0.93
CA VAL A 725 -30.00 11.13 0.59
C VAL A 725 -29.50 10.52 -0.72
N HIS A 726 -28.30 10.90 -1.17
CA HIS A 726 -27.72 10.38 -2.41
C HIS A 726 -27.77 8.85 -2.42
N ASP A 727 -28.63 8.31 -3.29
CA ASP A 727 -28.78 6.87 -3.46
C ASP A 727 -28.03 6.46 -4.71
N ILE A 728 -26.83 5.89 -4.54
CA ILE A 728 -26.07 5.36 -5.66
C ILE A 728 -26.78 4.16 -6.24
N GLY A 729 -27.45 3.37 -5.39
CA GLY A 729 -28.20 2.21 -5.83
C GLY A 729 -29.21 2.53 -6.93
N LYS A 730 -29.99 3.62 -6.75
CA LYS A 730 -30.88 4.14 -7.78
C LYS A 730 -30.11 4.41 -9.06
N ASN A 731 -28.96 5.11 -8.96
CA ASN A 731 -28.23 5.53 -10.13
C ASN A 731 -27.65 4.33 -10.88
N LEU A 732 -27.34 3.24 -10.16
CA LEU A 732 -26.89 2.02 -10.82
C LEU A 732 -28.04 1.39 -11.60
N VAL A 733 -29.29 1.53 -11.11
CA VAL A 733 -30.46 1.03 -11.83
C VAL A 733 -30.58 1.83 -13.13
N ASP A 734 -30.53 3.18 -13.01
CA ASP A 734 -30.53 4.07 -14.16
C ASP A 734 -29.47 3.64 -15.19
N ILE A 735 -28.24 3.38 -14.74
CA ILE A 735 -27.15 3.03 -15.64
C ILE A 735 -27.45 1.68 -16.32
N ILE A 736 -27.83 0.66 -15.54
CA ILE A 736 -27.93 -0.71 -16.03
C ILE A 736 -29.14 -0.86 -16.95
N LEU A 737 -30.28 -0.27 -16.55
CA LEU A 737 -31.50 -0.37 -17.34
C LEU A 737 -31.34 0.40 -18.65
N SER A 738 -30.87 1.65 -18.60
CA SER A 738 -30.73 2.49 -19.78
C SER A 738 -29.88 1.82 -20.86
N ASN A 739 -28.76 1.22 -20.43
CA ASN A 739 -27.79 0.64 -21.33
C ASN A 739 -28.13 -0.80 -21.68
N ASN A 740 -29.23 -1.35 -21.14
CA ASN A 740 -29.83 -2.59 -21.61
C ASN A 740 -31.13 -2.29 -22.36
N GLY A 741 -31.16 -1.17 -23.11
CA GLY A 741 -32.24 -0.91 -24.05
C GLY A 741 -33.32 0.05 -23.55
N TYR A 742 -33.59 0.07 -22.23
CA TYR A 742 -34.75 0.75 -21.68
C TYR A 742 -34.51 2.25 -21.58
N ARG A 743 -35.59 2.98 -21.27
CA ARG A 743 -35.54 4.43 -21.13
C ARG A 743 -35.96 4.79 -19.71
N VAL A 744 -34.97 5.16 -18.90
CA VAL A 744 -35.19 5.60 -17.54
C VAL A 744 -35.38 7.11 -17.59
N VAL A 745 -36.23 7.62 -16.70
CA VAL A 745 -36.29 9.05 -16.40
C VAL A 745 -36.03 9.19 -14.91
N ASN A 746 -34.87 9.78 -14.59
CA ASN A 746 -34.41 9.87 -13.21
C ASN A 746 -34.86 11.19 -12.63
N LEU A 747 -35.65 11.11 -11.55
CA LEU A 747 -36.29 12.27 -10.95
C LEU A 747 -35.43 12.86 -9.84
N GLY A 748 -34.35 12.16 -9.47
CA GLY A 748 -33.44 12.65 -8.45
C GLY A 748 -33.84 12.15 -7.06
N ILE A 749 -33.39 12.87 -6.02
CA ILE A 749 -33.59 12.46 -4.63
C ILE A 749 -34.56 13.43 -3.96
N LYS A 750 -35.08 13.01 -2.79
CA LYS A 750 -35.98 13.79 -1.95
C LYS A 750 -37.24 14.17 -2.73
N VAL A 751 -37.74 13.25 -3.57
CA VAL A 751 -38.94 13.51 -4.36
C VAL A 751 -40.15 13.05 -3.52
N PRO A 752 -41.18 13.92 -3.32
CA PRO A 752 -42.43 13.47 -2.72
C PRO A 752 -43.31 12.74 -3.72
N ILE A 753 -44.45 12.24 -3.23
CA ILE A 753 -45.38 11.45 -4.01
C ILE A 753 -46.16 12.33 -5.01
N GLU A 754 -46.21 13.66 -4.77
CA GLU A 754 -46.91 14.59 -5.65
C GLU A 754 -46.27 14.63 -7.03
N GLU A 755 -44.96 14.92 -7.09
CA GLU A 755 -44.29 15.14 -8.37
C GLU A 755 -43.80 13.84 -9.00
N ILE A 756 -43.81 12.71 -8.26
CA ILE A 756 -43.45 11.42 -8.83
C ILE A 756 -44.54 10.92 -9.77
N LEU A 757 -45.82 11.08 -9.39
CA LEU A 757 -46.95 10.67 -10.20
C LEU A 757 -47.23 11.68 -11.30
N LYS A 758 -46.73 12.91 -11.14
CA LYS A 758 -46.79 13.92 -12.18
C LYS A 758 -45.98 13.49 -13.40
N ALA A 759 -44.85 12.78 -13.16
CA ALA A 759 -44.05 12.20 -14.22
C ALA A 759 -44.76 11.00 -14.84
N VAL A 760 -45.55 10.26 -14.04
CA VAL A 760 -46.22 9.06 -14.49
C VAL A 760 -47.27 9.40 -15.56
N GLU A 761 -48.04 10.48 -15.38
CA GLU A 761 -49.06 10.86 -16.35
C GLU A 761 -48.41 11.39 -17.64
N ALA A 762 -47.31 12.15 -17.51
CA ALA A 762 -46.66 12.78 -18.66
C ALA A 762 -45.93 11.73 -19.51
N HIS A 763 -45.12 10.88 -18.87
CA HIS A 763 -44.27 9.93 -19.58
C HIS A 763 -45.08 8.69 -19.95
N LYS A 764 -45.96 8.24 -19.04
CA LYS A 764 -46.80 7.05 -19.18
C LYS A 764 -45.93 5.80 -19.23
N PRO A 765 -45.32 5.39 -18.11
CA PRO A 765 -44.39 4.26 -18.08
C PRO A 765 -45.03 2.88 -17.86
N HIS A 766 -44.19 1.85 -18.05
CA HIS A 766 -44.52 0.47 -17.71
C HIS A 766 -44.51 0.28 -16.19
N ALA A 767 -43.44 0.75 -15.52
CA ALA A 767 -43.29 0.61 -14.07
C ALA A 767 -42.81 1.93 -13.45
N VAL A 768 -42.92 2.01 -12.11
CA VAL A 768 -42.52 3.18 -11.34
C VAL A 768 -41.58 2.72 -10.24
N GLY A 769 -40.29 3.07 -10.34
CA GLY A 769 -39.28 2.66 -9.37
C GLY A 769 -39.13 3.66 -8.22
N MET A 770 -39.23 3.14 -6.99
CA MET A 770 -38.93 3.92 -5.78
C MET A 770 -37.75 3.27 -5.05
N SER A 771 -36.91 4.09 -4.40
CA SER A 771 -35.67 3.62 -3.79
C SER A 771 -35.24 4.53 -2.64
N GLY A 772 -34.46 3.97 -1.70
CA GLY A 772 -34.03 4.70 -0.51
C GLY A 772 -32.89 3.99 0.22
N LEU A 773 -31.85 4.77 0.57
CA LEU A 773 -30.71 4.29 1.34
C LEU A 773 -31.11 4.13 2.81
N LEU A 774 -31.73 5.17 3.41
CA LEU A 774 -31.96 5.22 4.85
C LEU A 774 -33.06 4.22 5.26
N VAL A 775 -32.99 3.77 6.51
CA VAL A 775 -33.93 2.81 7.08
C VAL A 775 -35.30 3.47 7.30
N LYS A 776 -35.32 4.79 7.56
CA LYS A 776 -36.56 5.50 7.89
C LYS A 776 -37.43 5.71 6.65
N SER A 777 -36.86 5.55 5.43
CA SER A 777 -37.60 5.78 4.19
C SER A 777 -38.37 4.52 3.72
N THR A 778 -38.32 3.41 4.49
CA THR A 778 -39.22 2.27 4.26
C THR A 778 -40.67 2.60 4.69
N LEU A 779 -40.83 3.34 5.80
CA LEU A 779 -42.14 3.80 6.26
C LEU A 779 -42.67 4.94 5.41
N VAL A 780 -41.78 5.69 4.74
CA VAL A 780 -42.17 6.75 3.82
C VAL A 780 -42.61 6.12 2.50
N MET A 781 -42.10 4.92 2.17
CA MET A 781 -42.56 4.15 1.02
C MET A 781 -43.97 3.61 1.24
N LYS A 782 -44.29 3.18 2.49
CA LYS A 782 -45.64 2.77 2.85
C LYS A 782 -46.62 3.91 2.57
N GLU A 783 -46.28 5.13 3.02
CA GLU A 783 -47.13 6.30 2.88
C GLU A 783 -47.32 6.66 1.40
N ASN A 784 -46.31 6.33 0.57
CA ASN A 784 -46.39 6.54 -0.87
C ASN A 784 -47.38 5.57 -1.51
N LEU A 785 -47.33 4.28 -1.13
CA LEU A 785 -48.23 3.27 -1.66
C LEU A 785 -49.66 3.47 -1.15
N GLU A 786 -49.80 3.95 0.09
CA GLU A 786 -51.10 4.27 0.66
C GLU A 786 -51.75 5.44 -0.09
N TYR A 787 -50.93 6.42 -0.52
CA TYR A 787 -51.39 7.57 -1.29
C TYR A 787 -51.87 7.14 -2.68
N MET A 788 -51.19 6.14 -3.27
CA MET A 788 -51.41 5.76 -4.66
C MET A 788 -52.72 4.98 -4.85
N ARG A 789 -53.10 4.14 -3.86
CA ARG A 789 -54.28 3.29 -3.99
C ARG A 789 -55.57 4.12 -3.94
N ASP A 790 -55.52 5.29 -3.31
CA ASP A 790 -56.67 6.21 -3.25
C ASP A 790 -56.99 6.79 -4.63
N ARG A 791 -55.96 7.19 -5.39
CA ARG A 791 -56.14 7.74 -6.72
C ARG A 791 -56.42 6.62 -7.73
N GLY A 792 -56.20 5.36 -7.34
CA GLY A 792 -56.63 4.20 -8.12
C GLY A 792 -55.53 3.57 -8.95
N TYR A 793 -54.28 4.07 -8.80
CA TYR A 793 -53.13 3.61 -9.57
C TYR A 793 -52.86 2.13 -9.27
N THR A 794 -52.70 1.31 -10.32
CA THR A 794 -52.26 -0.07 -10.20
C THR A 794 -51.20 -0.36 -11.26
N LEU A 795 -50.19 0.53 -11.36
CA LEU A 795 -48.97 0.27 -12.11
C LEU A 795 -48.02 -0.55 -11.25
N PRO A 796 -47.24 -1.51 -11.81
CA PRO A 796 -46.31 -2.32 -11.01
C PRO A 796 -45.14 -1.48 -10.49
N VAL A 797 -45.18 -1.18 -9.19
CA VAL A 797 -44.13 -0.44 -8.50
C VAL A 797 -43.00 -1.41 -8.15
N ILE A 798 -41.75 -0.95 -8.33
CA ILE A 798 -40.56 -1.74 -8.05
C ILE A 798 -39.77 -1.05 -6.94
N LEU A 799 -39.83 -1.62 -5.72
CA LEU A 799 -39.15 -1.08 -4.56
C LEU A 799 -37.78 -1.75 -4.40
N GLY A 800 -36.81 -0.97 -3.91
CA GLY A 800 -35.45 -1.45 -3.72
C GLY A 800 -34.67 -0.59 -2.73
N GLY A 801 -33.46 -1.08 -2.40
CA GLY A 801 -32.59 -0.43 -1.43
C GLY A 801 -32.09 -1.40 -0.37
N ALA A 802 -31.06 -0.96 0.37
CA ALA A 802 -30.49 -1.71 1.49
C ALA A 802 -31.43 -1.64 2.70
N ALA A 803 -32.28 -0.60 2.74
CA ALA A 803 -33.26 -0.44 3.80
C ALA A 803 -34.30 -1.57 3.78
N LEU A 804 -34.78 -1.96 2.58
CA LEU A 804 -35.87 -2.93 2.45
C LEU A 804 -35.35 -4.36 2.61
N THR A 805 -36.31 -5.29 2.75
CA THR A 805 -36.07 -6.72 2.72
C THR A 805 -37.15 -7.39 1.87
N ARG A 806 -36.87 -8.64 1.43
CA ARG A 806 -37.70 -9.36 0.48
C ARG A 806 -39.03 -9.82 1.11
N SER A 807 -38.99 -10.14 2.41
CA SER A 807 -40.18 -10.51 3.17
C SER A 807 -41.13 -9.32 3.34
N TYR A 808 -40.60 -8.09 3.37
CA TYR A 808 -41.38 -6.90 3.70
C TYR A 808 -42.24 -6.44 2.51
N VAL A 809 -41.85 -6.73 1.27
CA VAL A 809 -42.63 -6.32 0.11
C VAL A 809 -43.89 -7.18 -0.01
N GLU A 810 -43.79 -8.46 0.34
CA GLU A 810 -44.95 -9.35 0.33
C GLU A 810 -45.89 -9.01 1.49
N GLU A 811 -45.34 -8.52 2.61
CA GLU A 811 -46.13 -8.04 3.74
C GLU A 811 -46.77 -6.67 3.43
N LEU A 812 -46.16 -5.91 2.51
CA LEU A 812 -46.67 -4.63 2.04
C LEU A 812 -47.61 -4.81 0.83
N ARG A 813 -47.81 -6.06 0.38
CA ARG A 813 -48.55 -6.36 -0.84
C ARG A 813 -50.06 -6.25 -0.60
N ALA A 814 -50.47 -6.18 0.67
CA ALA A 814 -51.86 -5.95 1.04
C ALA A 814 -52.31 -4.54 0.65
N ILE A 815 -51.44 -3.54 0.85
CA ILE A 815 -51.78 -2.14 0.58
C ILE A 815 -51.86 -1.91 -0.92
N TYR A 816 -50.90 -2.47 -1.67
CA TYR A 816 -50.82 -2.28 -3.12
C TYR A 816 -50.63 -3.64 -3.80
N PRO A 817 -51.44 -3.97 -4.84
CA PRO A 817 -51.42 -5.31 -5.44
C PRO A 817 -50.11 -5.64 -6.17
N ASN A 818 -49.72 -4.78 -7.12
CA ASN A 818 -48.54 -4.99 -7.94
C ASN A 818 -47.37 -4.22 -7.34
N VAL A 819 -46.63 -4.89 -6.45
CA VAL A 819 -45.40 -4.35 -5.87
C VAL A 819 -44.38 -5.49 -5.80
N TYR A 820 -43.12 -5.16 -6.12
CA TYR A 820 -42.05 -6.12 -6.28
C TYR A 820 -40.77 -5.63 -5.61
N TYR A 821 -39.92 -6.57 -5.16
CA TYR A 821 -38.62 -6.26 -4.58
C TYR A 821 -37.56 -6.25 -5.68
N ALA A 822 -36.49 -5.48 -5.45
CA ALA A 822 -35.27 -5.54 -6.24
C ALA A 822 -34.06 -5.50 -5.30
N GLU A 823 -33.29 -6.61 -5.28
CA GLU A 823 -32.11 -6.73 -4.43
C GLU A 823 -30.98 -5.88 -4.99
N ASP A 824 -30.84 -5.87 -6.32
CA ASP A 824 -29.80 -5.14 -7.01
C ASP A 824 -30.39 -4.55 -8.29
N ALA A 825 -29.54 -4.00 -9.17
CA ALA A 825 -30.00 -3.42 -10.42
C ALA A 825 -30.45 -4.51 -11.39
N PHE A 826 -29.82 -5.69 -11.33
CA PHE A 826 -29.99 -6.70 -12.37
C PHE A 826 -31.25 -7.55 -12.14
N GLU A 827 -31.76 -7.59 -10.90
CA GLU A 827 -33.09 -8.10 -10.63
C GLU A 827 -34.10 -7.11 -11.21
N GLY A 828 -33.87 -5.82 -10.97
CA GLY A 828 -34.69 -4.76 -11.55
C GLY A 828 -34.72 -4.82 -13.08
N LEU A 829 -33.65 -5.28 -13.70
CA LEU A 829 -33.61 -5.52 -15.14
C LEU A 829 -34.53 -6.69 -15.48
N ARG A 830 -34.34 -7.84 -14.81
CA ARG A 830 -35.14 -9.03 -15.02
C ARG A 830 -36.63 -8.72 -14.87
N LEU A 831 -37.00 -7.92 -13.85
CA LEU A 831 -38.37 -7.47 -13.63
C LEU A 831 -38.90 -6.72 -14.85
N MET A 832 -38.10 -5.79 -15.38
CA MET A 832 -38.52 -4.94 -16.48
C MET A 832 -38.62 -5.74 -17.79
N GLU A 833 -37.88 -6.86 -17.91
CA GLU A 833 -37.99 -7.75 -19.05
C GLU A 833 -39.35 -8.44 -19.04
N GLU A 834 -39.80 -8.85 -17.84
CA GLU A 834 -41.02 -9.64 -17.69
C GLU A 834 -42.27 -8.77 -17.91
N LEU A 835 -42.24 -7.52 -17.42
CA LEU A 835 -43.38 -6.60 -17.52
C LEU A 835 -43.63 -6.19 -18.97
N THR A 836 -42.56 -5.78 -19.65
CA THR A 836 -42.64 -5.30 -21.03
C THR A 836 -42.86 -6.45 -22.02
N GLY A 837 -42.57 -7.70 -21.60
CA GLY A 837 -42.85 -8.88 -22.39
C GLY A 837 -41.67 -9.31 -23.26
N HIS A 838 -40.44 -9.09 -22.77
CA HIS A 838 -39.23 -9.60 -23.41
C HIS A 838 -38.69 -10.83 -22.67
N ALA A 839 -39.46 -11.32 -21.70
CA ALA A 839 -39.13 -12.55 -20.98
C ALA A 839 -40.43 -13.16 -20.44
N PRO A 840 -40.47 -14.48 -20.15
CA PRO A 840 -41.65 -15.10 -19.56
C PRO A 840 -41.83 -14.62 -18.12
N PRO A 841 -43.07 -14.57 -17.57
CA PRO A 841 -43.29 -14.03 -16.24
C PRO A 841 -42.92 -15.04 -15.15
N GLU A 842 -41.61 -15.17 -14.85
CA GLU A 842 -41.12 -15.98 -13.73
C GLU A 842 -41.45 -15.28 -12.41
N LEU A 843 -41.75 -13.96 -12.48
CA LEU A 843 -42.10 -13.14 -11.33
C LEU A 843 -43.48 -12.51 -11.58
N THR A 844 -44.54 -13.30 -11.32
CA THR A 844 -45.92 -12.83 -11.43
C THR A 844 -46.77 -13.39 -10.28
N ALA A 862 -30.87 -9.45 27.22
CA ALA A 862 -29.89 -8.39 27.55
C ALA A 862 -29.59 -8.43 29.05
N ARG A 863 -28.30 -8.49 29.38
CA ARG A 863 -27.79 -8.44 30.75
C ARG A 863 -28.02 -7.05 31.33
N PRO A 864 -28.11 -6.90 32.66
CA PRO A 864 -28.16 -5.58 33.29
C PRO A 864 -26.75 -5.03 33.43
N VAL A 865 -26.68 -3.69 33.37
CA VAL A 865 -25.39 -3.00 33.29
C VAL A 865 -24.82 -2.81 34.70
N GLY A 866 -23.76 -3.56 35.01
CA GLY A 866 -22.98 -3.38 36.23
C GLY A 866 -22.26 -2.04 36.24
N GLU A 867 -21.82 -1.61 37.43
CA GLU A 867 -21.25 -0.28 37.58
C GLU A 867 -19.89 -0.28 36.89
N ALA A 868 -19.54 0.87 36.29
CA ALA A 868 -18.25 1.07 35.66
C ALA A 868 -17.14 1.04 36.74
N PRO A 869 -15.99 0.37 36.48
CA PRO A 869 -14.91 0.30 37.47
C PRO A 869 -14.16 1.63 37.69
N ALA A 870 -14.26 2.57 36.74
CA ALA A 870 -13.79 3.92 36.93
C ALA A 870 -14.51 4.88 36.01
N VAL A 871 -14.31 6.18 36.26
CA VAL A 871 -14.68 7.22 35.31
C VAL A 871 -13.38 7.73 34.71
N PRO A 872 -13.08 7.48 33.42
CA PRO A 872 -11.79 7.87 32.88
C PRO A 872 -11.71 9.38 32.69
N ARG A 873 -10.53 9.93 33.03
CA ARG A 873 -10.26 11.36 32.96
C ARG A 873 -9.95 11.76 31.53
N PRO A 874 -10.74 12.69 30.93
CA PRO A 874 -10.42 13.19 29.58
C PRO A 874 -9.30 14.21 29.63
N PRO A 875 -8.70 14.56 28.46
CA PRO A 875 -7.66 15.60 28.41
C PRO A 875 -8.20 17.01 28.69
N PHE A 876 -9.49 17.21 28.37
CA PHE A 876 -10.14 18.49 28.56
C PHE A 876 -11.65 18.29 28.58
N PHE A 877 -12.38 19.34 28.97
CA PHE A 877 -13.83 19.39 28.80
C PHE A 877 -14.15 20.53 27.84
N GLY A 878 -15.28 20.39 27.14
CA GLY A 878 -15.58 21.29 26.05
C GLY A 878 -15.31 20.63 24.70
N VAL A 879 -15.30 21.44 23.64
CA VAL A 879 -15.21 20.94 22.27
C VAL A 879 -14.07 21.65 21.55
N ARG A 880 -13.32 20.85 20.76
CA ARG A 880 -12.20 21.34 19.94
C ARG A 880 -12.38 20.90 18.49
N VAL A 881 -11.62 21.56 17.60
CA VAL A 881 -11.52 21.24 16.19
C VAL A 881 -10.13 20.69 15.90
N GLU A 882 -10.06 19.68 15.02
CA GLU A 882 -8.84 19.03 14.61
C GLU A 882 -8.82 18.94 13.09
N GLU A 883 -7.93 19.72 12.45
CA GLU A 883 -7.84 19.79 11.00
C GLU A 883 -6.56 19.10 10.54
N GLY A 884 -6.54 18.74 9.25
CA GLY A 884 -5.32 18.31 8.59
C GLY A 884 -4.76 16.97 9.11
N LEU A 885 -5.66 16.03 9.45
CA LEU A 885 -5.25 14.70 9.84
C LEU A 885 -4.79 13.98 8.58
N ASP A 886 -3.67 13.25 8.69
CA ASP A 886 -3.03 12.52 7.62
C ASP A 886 -4.00 11.48 7.08
N LEU A 887 -4.29 11.58 5.78
CA LEU A 887 -5.26 10.72 5.13
C LEU A 887 -4.75 9.28 5.01
N ALA A 888 -3.42 9.08 4.94
CA ALA A 888 -2.82 7.75 4.89
C ALA A 888 -3.02 7.03 6.21
N THR A 889 -2.92 7.77 7.33
CA THR A 889 -3.20 7.24 8.66
C THR A 889 -4.66 6.85 8.76
N ILE A 890 -5.55 7.71 8.24
CA ILE A 890 -6.97 7.42 8.20
C ILE A 890 -7.21 6.19 7.31
N ALA A 891 -6.50 6.08 6.18
CA ALA A 891 -6.71 5.02 5.20
C ALA A 891 -6.43 3.63 5.81
N HIS A 892 -5.56 3.58 6.82
CA HIS A 892 -5.35 2.34 7.55
C HIS A 892 -6.63 1.79 8.19
N TYR A 893 -7.58 2.65 8.57
CA TYR A 893 -8.76 2.24 9.32
C TYR A 893 -9.98 2.06 8.41
N VAL A 894 -9.75 1.99 7.09
CA VAL A 894 -10.78 1.67 6.13
C VAL A 894 -11.12 0.20 6.35
N ASN A 895 -12.42 -0.10 6.33
CA ASN A 895 -12.91 -1.46 6.22
C ASN A 895 -12.89 -1.87 4.75
N LYS A 896 -11.79 -2.49 4.33
CA LYS A 896 -11.59 -2.90 2.95
C LYS A 896 -12.57 -4.00 2.51
N LEU A 897 -13.07 -4.80 3.46
CA LEU A 897 -14.09 -5.79 3.13
C LEU A 897 -15.41 -5.07 2.80
N ALA A 898 -15.75 -4.06 3.60
CA ALA A 898 -16.94 -3.25 3.38
C ALA A 898 -16.82 -2.47 2.07
N LEU A 899 -15.63 -1.92 1.80
CA LEU A 899 -15.36 -1.20 0.56
C LEU A 899 -15.41 -2.12 -0.67
N TYR A 900 -14.57 -3.16 -0.70
CA TYR A 900 -14.36 -3.95 -1.91
C TYR A 900 -15.58 -4.84 -2.21
N ARG A 901 -16.05 -5.59 -1.20
CA ARG A 901 -17.22 -6.45 -1.38
C ARG A 901 -18.50 -5.62 -1.42
N GLY A 902 -18.71 -4.77 -0.41
CA GLY A 902 -19.96 -4.05 -0.27
C GLY A 902 -20.14 -2.94 -1.30
N GLN A 903 -19.28 -1.90 -1.23
CA GLN A 903 -19.46 -0.69 -2.01
C GLN A 903 -19.15 -0.95 -3.48
N TRP A 904 -17.93 -1.46 -3.75
CA TRP A 904 -17.43 -1.63 -5.11
C TRP A 904 -17.97 -2.88 -5.79
N GLY A 905 -18.58 -3.80 -5.06
CA GLY A 905 -19.30 -4.91 -5.68
C GLY A 905 -18.41 -6.03 -6.24
N TYR A 906 -17.25 -6.30 -5.60
CA TYR A 906 -16.45 -7.49 -5.86
C TYR A 906 -17.03 -8.64 -5.05
N SER A 907 -17.95 -9.39 -5.66
CA SER A 907 -18.79 -10.33 -4.94
C SER A 907 -17.98 -11.52 -4.46
N ARG A 908 -18.39 -12.07 -3.31
CA ARG A 908 -17.74 -13.20 -2.65
C ARG A 908 -18.31 -14.54 -3.13
N LYS A 909 -19.55 -14.52 -3.64
CA LYS A 909 -20.31 -15.75 -3.87
C LYS A 909 -19.77 -16.44 -5.12
N GLY A 910 -19.52 -17.75 -4.97
CA GLY A 910 -18.87 -18.56 -5.99
C GLY A 910 -17.34 -18.39 -5.97
N LEU A 911 -16.78 -18.17 -4.78
CA LEU A 911 -15.34 -17.95 -4.66
C LEU A 911 -14.88 -18.22 -3.23
N SER A 912 -13.64 -18.73 -3.07
CA SER A 912 -13.01 -18.94 -1.77
C SER A 912 -12.72 -17.61 -1.08
N ARG A 913 -12.22 -17.67 0.17
CA ARG A 913 -11.92 -16.48 0.96
C ARG A 913 -10.47 -16.05 0.74
N GLU A 914 -9.64 -16.96 0.20
CA GLU A 914 -8.25 -16.65 -0.15
C GLU A 914 -8.20 -16.29 -1.63
N ALA A 915 -9.10 -16.89 -2.42
CA ALA A 915 -9.25 -16.57 -3.83
C ALA A 915 -9.84 -15.17 -4.03
N TRP A 916 -10.76 -14.75 -3.13
CA TRP A 916 -11.33 -13.42 -3.17
C TRP A 916 -10.30 -12.38 -2.70
N GLN A 917 -9.45 -12.76 -1.73
CA GLN A 917 -8.40 -11.85 -1.25
C GLN A 917 -7.36 -11.64 -2.36
N ALA A 918 -7.19 -12.62 -3.25
CA ALA A 918 -6.31 -12.49 -4.41
C ALA A 918 -6.95 -11.60 -5.48
N LEU A 919 -8.26 -11.78 -5.71
CA LEU A 919 -9.02 -10.97 -6.65
C LEU A 919 -8.93 -9.47 -6.32
N VAL A 920 -9.11 -9.11 -5.04
CA VAL A 920 -9.13 -7.71 -4.63
C VAL A 920 -7.71 -7.15 -4.62
N GLU A 921 -6.72 -7.94 -4.19
CA GLU A 921 -5.33 -7.47 -4.16
C GLU A 921 -4.80 -7.23 -5.58
N ARG A 922 -5.36 -7.95 -6.56
CA ARG A 922 -5.07 -7.73 -7.97
C ARG A 922 -5.81 -6.50 -8.52
N GLU A 923 -7.14 -6.46 -8.36
CA GLU A 923 -8.01 -5.53 -9.08
C GLU A 923 -8.44 -4.33 -8.23
N ALA A 924 -8.91 -4.53 -7.00
CA ALA A 924 -9.40 -3.45 -6.15
C ALA A 924 -8.28 -2.62 -5.50
N GLU A 925 -7.23 -3.27 -5.00
CA GLU A 925 -6.26 -2.61 -4.13
C GLU A 925 -5.54 -1.51 -4.90
N PRO A 926 -5.15 -1.68 -6.18
CA PRO A 926 -4.54 -0.58 -6.96
C PRO A 926 -5.44 0.62 -7.16
N VAL A 927 -6.77 0.41 -7.28
CA VAL A 927 -7.69 1.53 -7.39
C VAL A 927 -7.61 2.34 -6.09
N PHE A 928 -7.67 1.64 -4.95
CA PHE A 928 -7.64 2.27 -3.64
C PHE A 928 -6.37 3.11 -3.48
N GLN A 929 -5.21 2.51 -3.81
CA GLN A 929 -3.92 3.17 -3.67
C GLN A 929 -3.89 4.44 -4.51
N ARG A 930 -4.48 4.36 -5.71
CA ARG A 930 -4.56 5.46 -6.66
C ARG A 930 -5.48 6.54 -6.10
N LEU A 931 -6.66 6.14 -5.60
CA LEU A 931 -7.61 7.11 -5.05
C LEU A 931 -7.07 7.81 -3.81
N LEU A 932 -6.30 7.08 -2.99
CA LEU A 932 -5.66 7.70 -1.84
C LEU A 932 -4.63 8.74 -2.29
N LYS A 933 -3.83 8.41 -3.31
CA LYS A 933 -2.79 9.28 -3.83
C LYS A 933 -3.44 10.50 -4.49
N GLU A 934 -4.53 10.27 -5.22
CA GLU A 934 -5.26 11.35 -5.87
C GLU A 934 -5.85 12.31 -4.83
N ALA A 935 -6.59 11.76 -3.86
CA ALA A 935 -7.27 12.56 -2.84
C ALA A 935 -6.28 13.41 -2.03
N MET A 936 -5.07 12.90 -1.82
CA MET A 936 -4.08 13.62 -1.05
C MET A 936 -3.51 14.75 -1.90
N ALA A 937 -3.15 14.43 -3.14
CA ALA A 937 -2.54 15.40 -4.05
C ALA A 937 -3.53 16.50 -4.43
N GLU A 938 -4.69 16.08 -4.96
CA GLU A 938 -5.69 16.97 -5.51
C GLU A 938 -6.52 17.60 -4.40
N GLY A 939 -6.58 16.96 -3.24
CA GLY A 939 -7.11 17.60 -2.03
C GLY A 939 -8.63 17.48 -1.87
N TRP A 940 -9.25 16.47 -2.47
CA TRP A 940 -10.71 16.37 -2.52
C TRP A 940 -11.29 15.56 -1.35
N LEU A 941 -10.45 15.10 -0.42
CA LEU A 941 -10.90 14.73 0.92
C LEU A 941 -10.24 15.71 1.89
N GLU A 942 -11.07 16.38 2.69
CA GLU A 942 -10.59 17.33 3.67
C GLU A 942 -11.12 16.88 5.04
N PRO A 943 -10.35 16.06 5.78
CA PRO A 943 -10.77 15.61 7.10
C PRO A 943 -10.73 16.72 8.14
N LYS A 944 -11.90 16.97 8.73
CA LYS A 944 -12.06 17.81 9.90
C LYS A 944 -12.79 17.00 10.97
N VAL A 945 -12.49 17.29 12.23
CA VAL A 945 -13.09 16.61 13.36
C VAL A 945 -13.46 17.63 14.43
N LEU A 946 -14.75 17.61 14.82
CA LEU A 946 -15.24 18.35 15.96
C LEU A 946 -15.50 17.35 17.07
N TYR A 947 -14.83 17.52 18.21
CA TYR A 947 -14.87 16.50 19.24
C TYR A 947 -14.65 17.10 20.62
N GLY A 948 -15.07 16.35 21.65
CA GLY A 948 -15.04 16.87 23.00
C GLY A 948 -15.54 15.91 24.06
N PHE A 949 -15.50 16.38 25.30
CA PHE A 949 -15.94 15.65 26.47
C PHE A 949 -16.84 16.58 27.30
N PHE A 950 -17.96 16.03 27.79
CA PHE A 950 -18.84 16.79 28.68
C PHE A 950 -19.01 16.06 30.01
N PRO A 951 -19.10 16.79 31.15
CA PRO A 951 -19.50 16.18 32.42
C PRO A 951 -21.00 15.93 32.30
N VAL A 952 -21.43 14.73 32.72
CA VAL A 952 -22.80 14.28 32.56
C VAL A 952 -23.21 13.50 33.81
N ALA A 953 -24.53 13.24 33.90
CA ALA A 953 -25.07 12.35 34.94
C ALA A 953 -26.44 11.85 34.53
N ARG A 954 -26.71 10.58 34.84
CA ARG A 954 -28.05 10.04 34.73
C ARG A 954 -28.92 10.61 35.86
N GLU A 955 -30.14 11.05 35.50
CA GLU A 955 -31.20 11.31 36.47
C GLU A 955 -32.46 10.65 35.95
N GLY A 956 -32.77 9.47 36.49
CA GLY A 956 -33.93 8.71 36.05
C GLY A 956 -33.69 8.03 34.71
N GLU A 957 -34.44 8.43 33.68
CA GLU A 957 -34.30 7.90 32.35
C GLU A 957 -33.76 8.98 31.42
N GLU A 958 -32.94 9.88 31.97
CA GLU A 958 -32.40 11.01 31.24
C GLU A 958 -30.90 11.10 31.47
N LEU A 959 -30.16 11.53 30.44
CA LEU A 959 -28.79 11.97 30.61
C LEU A 959 -28.73 13.50 30.57
N LEU A 960 -28.30 14.08 31.69
CA LEU A 960 -28.09 15.51 31.80
C LEU A 960 -26.67 15.81 31.35
N VAL A 961 -26.53 16.74 30.40
CA VAL A 961 -25.25 17.26 29.99
C VAL A 961 -25.05 18.61 30.64
N PHE A 962 -24.07 18.68 31.55
CA PHE A 962 -23.79 19.90 32.28
C PHE A 962 -22.73 20.72 31.55
N SER A 963 -22.71 22.03 31.82
CA SER A 963 -21.74 22.93 31.22
C SER A 963 -20.39 22.78 31.90
N PRO A 964 -19.27 22.73 31.14
CA PRO A 964 -17.94 22.86 31.74
C PRO A 964 -17.62 24.20 32.42
N GLU A 965 -18.34 25.29 32.07
CA GLU A 965 -18.09 26.62 32.61
C GLU A 965 -19.02 26.91 33.79
N THR A 966 -20.34 26.79 33.57
CA THR A 966 -21.35 27.31 34.49
C THR A 966 -21.91 26.22 35.42
N GLY A 967 -21.91 24.98 34.95
CA GLY A 967 -22.51 23.87 35.68
C GLY A 967 -23.99 23.68 35.39
N GLU A 968 -24.57 24.53 34.54
CA GLU A 968 -25.99 24.50 34.23
C GLU A 968 -26.23 23.30 33.31
N VAL A 969 -27.46 22.74 33.38
CA VAL A 969 -27.85 21.67 32.50
C VAL A 969 -28.10 22.24 31.11
N LEU A 970 -27.21 21.91 30.17
CA LEU A 970 -27.27 22.41 28.81
C LEU A 970 -28.31 21.66 28.00
N GLU A 971 -28.37 20.32 28.14
CA GLU A 971 -29.32 19.50 27.38
C GLU A 971 -29.71 18.27 28.21
N ARG A 972 -30.83 17.64 27.82
CA ARG A 972 -31.33 16.42 28.44
C ARG A 972 -31.71 15.41 27.34
N PHE A 973 -31.22 14.16 27.45
CA PHE A 973 -31.51 13.14 26.43
C PHE A 973 -32.38 12.04 27.04
N ARG A 974 -33.60 11.84 26.50
CA ARG A 974 -34.40 10.66 26.82
C ARG A 974 -34.06 9.60 25.79
N PHE A 975 -33.09 8.75 26.15
CA PHE A 975 -32.71 7.62 25.33
C PHE A 975 -33.77 6.55 25.46
N PRO A 976 -34.25 5.93 24.35
CA PRO A 976 -35.21 4.82 24.44
C PRO A 976 -34.62 3.60 25.15
N ARG A 977 -35.48 2.92 25.90
CA ARG A 977 -35.21 1.63 26.52
C ARG A 977 -35.88 0.54 25.70
N GLN A 978 -35.28 -0.65 25.71
CA GLN A 978 -35.84 -1.82 25.06
C GLN A 978 -37.13 -2.20 25.79
N LYS A 979 -38.13 -2.66 25.00
CA LYS A 979 -39.42 -3.08 25.52
C LYS A 979 -39.22 -4.25 26.48
N GLY A 980 -40.01 -4.25 27.56
CA GLY A 980 -39.90 -5.26 28.60
C GLY A 980 -38.69 -5.01 29.50
N GLY A 981 -38.59 -3.76 30.01
CA GLY A 981 -37.64 -3.35 31.03
C GLY A 981 -36.19 -3.67 30.69
N GLY A 982 -35.82 -3.46 29.42
CA GLY A 982 -34.51 -3.89 28.95
C GLY A 982 -33.46 -2.78 29.00
N LEU A 983 -32.59 -2.78 27.99
CA LEU A 983 -31.34 -2.04 27.98
C LEU A 983 -31.54 -0.64 27.40
N SER A 984 -30.71 0.32 27.83
CA SER A 984 -30.82 1.72 27.42
C SER A 984 -29.46 2.41 27.51
N LEU A 985 -29.22 3.45 26.69
CA LEU A 985 -27.94 4.14 26.67
C LEU A 985 -27.65 4.84 28.00
N VAL A 986 -28.73 5.24 28.70
CA VAL A 986 -28.62 5.92 29.97
C VAL A 986 -28.04 4.98 31.04
N ASP A 987 -28.20 3.66 30.87
CA ASP A 987 -27.67 2.69 31.82
C ASP A 987 -26.14 2.71 31.92
N TYR A 988 -25.44 3.29 30.93
CA TYR A 988 -23.97 3.29 30.91
C TYR A 988 -23.39 4.49 31.68
N PHE A 989 -24.25 5.34 32.25
CA PHE A 989 -23.81 6.57 32.91
C PHE A 989 -24.14 6.52 34.40
N ARG A 990 -23.20 7.07 35.19
CA ARG A 990 -23.33 7.19 36.62
C ARG A 990 -24.49 8.13 36.98
N PRO A 991 -25.23 7.82 38.09
CA PRO A 991 -26.37 8.63 38.49
C PRO A 991 -25.88 9.90 39.17
N ARG A 992 -26.73 10.92 39.16
CA ARG A 992 -26.43 12.22 39.74
C ARG A 992 -26.15 12.06 41.23
N PHE A 993 -25.14 12.81 41.72
CA PHE A 993 -24.75 12.87 43.13
C PHE A 993 -24.18 11.55 43.65
N ALA A 994 -23.85 10.61 42.76
CA ALA A 994 -23.18 9.38 43.13
C ALA A 994 -21.86 9.69 43.84
N ALA A 995 -21.46 8.80 44.75
CA ALA A 995 -20.19 8.95 45.43
C ALA A 995 -19.08 8.70 44.42
N PRO A 996 -18.09 9.59 44.26
CA PRO A 996 -16.97 9.31 43.36
C PRO A 996 -16.30 7.96 43.59
N LEU A 997 -15.89 7.31 42.49
CA LEU A 997 -15.16 6.06 42.57
C LEU A 997 -13.69 6.30 42.92
N GLY A 998 -13.15 7.48 42.59
CA GLY A 998 -11.77 7.84 42.91
C GLY A 998 -11.54 9.36 42.95
N ASP A 999 -10.82 9.90 41.96
CA ASP A 999 -10.30 11.27 42.01
C ASP A 999 -11.26 12.29 41.36
N GLU A 1000 -12.47 11.87 40.95
CA GLU A 1000 -13.26 12.68 40.01
C GLU A 1000 -13.40 14.14 40.48
N ALA A 1001 -13.53 14.36 41.80
CA ALA A 1001 -13.67 15.69 42.38
C ALA A 1001 -12.50 16.62 42.00
N ASP A 1002 -11.31 16.04 41.78
CA ASP A 1002 -10.09 16.80 41.52
C ASP A 1002 -10.02 17.34 40.09
N TRP A 1003 -10.75 16.73 39.13
CA TRP A 1003 -10.59 17.08 37.73
C TRP A 1003 -11.90 17.28 36.99
N MET A 1004 -13.05 16.89 37.54
CA MET A 1004 -14.32 17.24 36.94
C MET A 1004 -14.49 18.76 37.04
N PRO A 1005 -15.13 19.45 36.06
CA PRO A 1005 -15.43 20.88 36.19
C PRO A 1005 -16.19 21.22 37.46
N LYS A 1006 -15.69 22.24 38.20
CA LYS A 1006 -16.04 22.45 39.60
C LYS A 1006 -17.54 22.66 39.72
N GLU A 1007 -18.13 23.47 38.82
CA GLU A 1007 -19.52 23.87 38.94
C GLU A 1007 -20.45 22.73 38.53
N ALA A 1008 -20.08 21.99 37.49
CA ALA A 1008 -20.79 20.80 37.06
C ALA A 1008 -20.82 19.75 38.18
N PHE A 1009 -19.69 19.57 38.87
CA PHE A 1009 -19.55 18.56 39.91
C PHE A 1009 -20.43 18.90 41.12
N ARG A 1010 -20.48 20.18 41.50
CA ARG A 1010 -21.34 20.64 42.58
C ARG A 1010 -22.80 20.41 42.21
N ALA A 1011 -23.15 20.61 40.92
CA ALA A 1011 -24.49 20.38 40.42
C ALA A 1011 -24.85 18.89 40.35
N GLY A 1012 -23.86 17.99 40.55
CA GLY A 1012 -24.09 16.55 40.66
C GLY A 1012 -23.60 15.70 39.48
N ALA A 1013 -22.83 16.27 38.54
CA ALA A 1013 -22.20 15.51 37.47
C ALA A 1013 -21.15 14.54 38.03
N ARG A 1014 -21.23 13.27 37.61
CA ARG A 1014 -20.36 12.23 38.12
C ARG A 1014 -19.86 11.30 37.01
N ASP A 1015 -20.03 11.68 35.73
CA ASP A 1015 -19.52 10.89 34.61
C ASP A 1015 -19.04 11.82 33.49
N VAL A 1016 -18.43 11.22 32.47
CA VAL A 1016 -17.94 11.92 31.29
C VAL A 1016 -18.52 11.24 30.06
N LEU A 1017 -19.00 12.06 29.11
CA LEU A 1017 -19.49 11.61 27.82
C LEU A 1017 -18.61 12.20 26.72
N GLY A 1018 -18.05 11.34 25.86
CA GLY A 1018 -17.37 11.80 24.67
C GLY A 1018 -18.36 12.09 23.55
N VAL A 1019 -18.02 13.06 22.71
CA VAL A 1019 -18.82 13.39 21.53
C VAL A 1019 -17.85 13.59 20.37
N GLN A 1020 -18.29 13.24 19.15
CA GLN A 1020 -17.46 13.42 17.98
C GLN A 1020 -18.35 13.62 16.75
N LEU A 1021 -17.96 14.60 15.94
CA LEU A 1021 -18.46 14.78 14.58
C LEU A 1021 -17.27 14.82 13.64
N VAL A 1022 -17.31 13.97 12.60
CA VAL A 1022 -16.24 13.90 11.61
C VAL A 1022 -16.86 14.18 10.26
N THR A 1023 -16.07 14.81 9.38
CA THR A 1023 -16.51 15.08 8.02
C THR A 1023 -15.30 15.10 7.09
N MET A 1024 -15.50 14.67 5.83
CA MET A 1024 -14.50 14.80 4.78
C MET A 1024 -14.80 16.02 3.90
N GLY A 1025 -15.93 16.70 4.15
CA GLY A 1025 -16.29 17.91 3.44
C GLY A 1025 -17.19 17.63 2.24
N GLU A 1026 -17.53 18.69 1.48
CA GLU A 1026 -18.49 18.61 0.40
C GLU A 1026 -17.83 18.12 -0.90
N ALA A 1027 -16.50 18.22 -1.00
CA ALA A 1027 -15.79 18.04 -2.25
C ALA A 1027 -15.98 16.64 -2.87
N PRO A 1028 -15.88 15.52 -2.10
CA PRO A 1028 -16.05 14.19 -2.69
C PRO A 1028 -17.45 13.92 -3.25
N SER A 1029 -18.48 14.61 -2.75
CA SER A 1029 -19.84 14.49 -3.24
C SER A 1029 -19.97 15.10 -4.64
N ARG A 1030 -19.50 16.35 -4.80
CA ARG A 1030 -19.43 17.07 -6.06
C ARG A 1030 -18.69 16.23 -7.10
N LYS A 1031 -17.53 15.71 -6.70
CA LYS A 1031 -16.67 14.97 -7.61
C LYS A 1031 -17.38 13.70 -8.09
N ALA A 1032 -18.13 13.03 -7.20
CA ALA A 1032 -18.84 11.82 -7.56
C ALA A 1032 -19.94 12.12 -8.55
N GLN A 1033 -20.70 13.20 -8.28
CA GLN A 1033 -21.82 13.56 -9.13
C GLN A 1033 -21.35 13.94 -10.53
N ALA A 1034 -20.18 14.58 -10.62
CA ALA A 1034 -19.66 15.03 -11.89
C ALA A 1034 -19.25 13.85 -12.76
N LEU A 1035 -18.81 12.77 -12.13
CA LEU A 1035 -18.40 11.58 -12.85
C LEU A 1035 -19.62 10.81 -13.36
N PHE A 1036 -20.69 10.74 -12.55
CA PHE A 1036 -21.96 10.19 -12.99
C PHE A 1036 -22.58 11.03 -14.13
N ALA A 1037 -22.52 12.37 -13.99
CA ALA A 1037 -23.03 13.29 -15.00
C ALA A 1037 -22.25 13.18 -16.32
N SER A 1038 -20.93 12.92 -16.26
CA SER A 1038 -20.12 12.75 -17.45
C SER A 1038 -20.22 11.33 -18.03
N GLY A 1039 -20.88 10.41 -17.32
CA GLY A 1039 -20.97 9.01 -17.73
C GLY A 1039 -19.69 8.19 -17.48
N ALA A 1040 -18.85 8.62 -16.53
CA ALA A 1040 -17.74 7.83 -16.03
C ALA A 1040 -18.27 7.01 -14.83
N TYR A 1041 -19.05 5.99 -15.18
CA TYR A 1041 -19.85 5.25 -14.22
C TYR A 1041 -18.94 4.49 -13.25
N GLN A 1042 -17.90 3.85 -13.78
CA GLN A 1042 -16.96 3.08 -12.97
C GLN A 1042 -16.26 3.95 -11.95
N ASP A 1043 -15.73 5.10 -12.36
CA ASP A 1043 -15.02 6.00 -11.45
C ASP A 1043 -16.00 6.61 -10.44
N TYR A 1044 -17.28 6.73 -10.82
CA TYR A 1044 -18.33 7.18 -9.92
C TYR A 1044 -18.50 6.16 -8.81
N LEU A 1045 -18.57 4.87 -9.18
CA LEU A 1045 -18.66 3.79 -8.21
C LEU A 1045 -17.48 3.84 -7.24
N PHE A 1046 -16.28 3.95 -7.80
CA PHE A 1046 -15.06 3.89 -7.03
C PHE A 1046 -14.98 5.08 -6.09
N VAL A 1047 -15.14 6.29 -6.64
CA VAL A 1047 -14.94 7.49 -5.86
C VAL A 1047 -15.99 7.58 -4.76
N HIS A 1048 -17.24 7.20 -5.07
CA HIS A 1048 -18.31 7.23 -4.07
C HIS A 1048 -17.97 6.27 -2.92
N GLY A 1049 -17.71 5.01 -3.26
CA GLY A 1049 -17.44 3.99 -2.26
C GLY A 1049 -16.26 4.37 -1.38
N PHE A 1050 -15.16 4.78 -2.01
CA PHE A 1050 -13.98 5.22 -1.30
C PHE A 1050 -14.31 6.34 -0.32
N SER A 1051 -15.15 7.29 -0.75
CA SER A 1051 -15.46 8.46 0.05
C SER A 1051 -16.23 8.07 1.32
N VAL A 1052 -17.17 7.14 1.16
CA VAL A 1052 -17.99 6.65 2.26
C VAL A 1052 -17.08 6.03 3.30
N GLU A 1053 -16.25 5.08 2.85
CA GLU A 1053 -15.48 4.25 3.77
C GLU A 1053 -14.30 5.02 4.35
N MET A 1054 -13.79 6.04 3.65
CA MET A 1054 -12.78 6.91 4.23
C MET A 1054 -13.40 7.79 5.32
N THR A 1055 -14.68 8.15 5.16
CA THR A 1055 -15.40 8.91 6.18
C THR A 1055 -15.68 8.04 7.39
N GLU A 1056 -16.05 6.79 7.15
CA GLU A 1056 -16.18 5.81 8.23
C GLU A 1056 -14.84 5.51 8.88
N ALA A 1057 -13.77 5.48 8.08
CA ALA A 1057 -12.44 5.26 8.61
C ALA A 1057 -12.03 6.43 9.51
N LEU A 1058 -12.45 7.65 9.16
CA LEU A 1058 -12.14 8.81 9.99
C LEU A 1058 -12.87 8.71 11.32
N ALA A 1059 -14.12 8.23 11.30
CA ALA A 1059 -14.89 8.01 12.50
C ALA A 1059 -14.23 6.94 13.35
N GLU A 1060 -13.78 5.86 12.70
CA GLU A 1060 -13.13 4.74 13.39
C GLU A 1060 -11.81 5.18 13.98
N TYR A 1061 -11.02 5.85 13.15
CA TYR A 1061 -9.75 6.41 13.60
C TYR A 1061 -9.98 7.31 14.80
N TRP A 1062 -10.93 8.24 14.69
CA TRP A 1062 -11.06 9.26 15.73
C TRP A 1062 -11.60 8.65 17.02
N HIS A 1063 -12.49 7.65 16.92
CA HIS A 1063 -12.94 6.90 18.09
C HIS A 1063 -11.75 6.30 18.82
N LYS A 1064 -10.75 5.78 18.08
CA LYS A 1064 -9.51 5.31 18.69
C LYS A 1064 -8.76 6.46 19.35
N ARG A 1065 -8.67 7.63 18.71
CA ARG A 1065 -8.03 8.79 19.31
C ARG A 1065 -8.75 9.20 20.59
N MET A 1066 -10.09 9.17 20.57
CA MET A 1066 -10.88 9.48 21.75
C MET A 1066 -10.53 8.51 22.87
N ARG A 1067 -10.44 7.20 22.57
CA ARG A 1067 -10.12 6.20 23.57
C ARG A 1067 -8.70 6.45 24.11
N GLN A 1068 -7.78 6.83 23.22
CA GLN A 1068 -6.38 7.00 23.59
C GLN A 1068 -6.24 8.14 24.60
N MET A 1069 -6.84 9.31 24.29
CA MET A 1069 -6.70 10.49 25.14
C MET A 1069 -7.51 10.32 26.43
N TRP A 1070 -8.54 9.45 26.42
CA TRP A 1070 -9.34 9.12 27.60
C TRP A 1070 -8.58 8.18 28.55
N GLY A 1071 -7.65 7.39 28.02
CA GLY A 1071 -6.81 6.52 28.82
C GLY A 1071 -7.33 5.08 28.88
N ILE A 1072 -8.03 4.63 27.83
CA ILE A 1072 -8.66 3.32 27.83
C ILE A 1072 -8.29 2.50 26.59
N ALA A 1073 -7.42 3.02 25.71
CA ALA A 1073 -7.15 2.41 24.40
C ALA A 1073 -6.19 1.22 24.48
N HIS A 1074 -5.60 1.01 25.66
CA HIS A 1074 -4.84 -0.21 25.94
C HIS A 1074 -5.73 -1.45 25.89
N GLN A 1075 -7.05 -1.28 25.96
CA GLN A 1075 -8.01 -2.37 25.80
C GLN A 1075 -8.39 -2.57 24.33
N ASP A 1076 -7.76 -1.84 23.39
CA ASP A 1076 -8.07 -2.06 21.97
C ASP A 1076 -7.44 -3.35 21.48
N ALA A 1077 -8.03 -3.92 20.44
CA ALA A 1077 -7.40 -5.01 19.74
C ALA A 1077 -6.25 -4.45 18.91
N THR A 1078 -5.23 -5.30 18.69
CA THR A 1078 -4.05 -4.95 17.93
C THR A 1078 -4.17 -5.45 16.48
N GLU A 1079 -5.39 -5.81 16.07
CA GLU A 1079 -5.72 -6.14 14.69
C GLU A 1079 -6.92 -5.28 14.31
N ILE A 1080 -6.89 -4.75 13.09
CA ILE A 1080 -7.80 -3.68 12.71
C ILE A 1080 -9.19 -4.24 12.46
N GLN A 1081 -9.31 -5.47 11.95
CA GLN A 1081 -10.63 -6.01 11.65
C GLN A 1081 -11.37 -6.31 12.96
N LYS A 1082 -10.66 -6.46 14.09
CA LYS A 1082 -11.27 -6.60 15.41
C LYS A 1082 -11.83 -5.27 15.93
N LEU A 1083 -11.23 -4.12 15.55
CA LEU A 1083 -11.81 -2.82 15.83
C LEU A 1083 -13.18 -2.68 15.16
N PHE A 1084 -13.32 -3.19 13.93
CA PHE A 1084 -14.58 -3.09 13.20
C PHE A 1084 -15.65 -3.97 13.83
N GLN A 1085 -15.24 -4.99 14.62
CA GLN A 1085 -16.13 -5.82 15.41
C GLN A 1085 -16.13 -5.37 16.88
N GLN A 1086 -15.91 -4.07 17.11
CA GLN A 1086 -16.00 -3.44 18.44
C GLN A 1086 -15.04 -4.08 19.45
N GLY A 1087 -13.82 -4.33 19.02
CA GLY A 1087 -12.80 -4.96 19.85
C GLY A 1087 -12.01 -3.91 20.59
N TYR A 1088 -12.70 -3.28 21.54
CA TYR A 1088 -12.20 -2.15 22.30
C TYR A 1088 -13.18 -1.85 23.43
N GLN A 1089 -12.76 -0.97 24.36
CA GLN A 1089 -13.58 -0.62 25.49
C GLN A 1089 -14.65 0.38 25.04
N GLY A 1090 -15.88 0.07 25.41
CA GLY A 1090 -16.99 0.95 25.16
C GLY A 1090 -17.53 0.80 23.74
N ALA A 1091 -18.19 1.87 23.29
CA ALA A 1091 -18.81 1.91 21.98
C ALA A 1091 -19.12 3.36 21.64
N ARG A 1092 -19.30 3.62 20.36
CA ARG A 1092 -19.90 4.85 19.89
C ARG A 1092 -21.30 4.56 19.34
N TYR A 1093 -22.15 5.60 19.32
CA TYR A 1093 -23.55 5.48 18.93
C TYR A 1093 -23.93 6.73 18.15
N SER A 1094 -24.45 6.54 16.93
CA SER A 1094 -24.95 7.63 16.11
C SER A 1094 -26.47 7.66 16.15
N PHE A 1095 -27.05 8.85 15.94
CA PHE A 1095 -28.49 9.00 15.93
C PHE A 1095 -29.03 8.44 14.60
N GLY A 1096 -29.83 7.37 14.72
CA GLY A 1096 -30.25 6.57 13.58
C GLY A 1096 -30.08 5.08 13.88
N TYR A 1097 -28.99 4.74 14.60
CA TYR A 1097 -28.75 3.41 15.13
C TYR A 1097 -29.96 3.00 15.98
N PRO A 1098 -30.27 1.69 16.08
CA PRO A 1098 -31.49 1.27 16.79
C PRO A 1098 -31.48 1.49 18.29
N ALA A 1099 -30.29 1.74 18.87
CA ALA A 1099 -30.17 2.10 20.28
C ALA A 1099 -30.68 3.53 20.55
N CYS A 1100 -30.63 4.38 19.52
CA CYS A 1100 -31.07 5.77 19.61
C CYS A 1100 -31.54 6.24 18.24
N PRO A 1101 -32.68 5.72 17.71
CA PRO A 1101 -33.09 5.97 16.33
C PRO A 1101 -33.70 7.35 16.05
N ASP A 1102 -33.92 8.14 17.12
CA ASP A 1102 -34.48 9.45 16.96
C ASP A 1102 -33.40 10.41 16.46
N LEU A 1103 -33.55 10.90 15.23
CA LEU A 1103 -32.63 11.86 14.62
C LEU A 1103 -32.72 13.24 15.30
N ALA A 1104 -33.84 13.53 15.97
CA ALA A 1104 -34.09 14.85 16.52
C ALA A 1104 -33.09 15.22 17.60
N ASP A 1105 -32.50 14.22 18.27
CA ASP A 1105 -31.48 14.44 19.29
C ASP A 1105 -30.20 15.05 18.70
N GLN A 1106 -30.03 15.01 17.36
CA GLN A 1106 -28.83 15.55 16.73
C GLN A 1106 -28.78 17.07 16.83
N ALA A 1107 -29.94 17.72 16.92
CA ALA A 1107 -30.01 19.14 17.21
C ALA A 1107 -29.52 19.48 18.62
N LYS A 1108 -29.63 18.54 19.56
CA LYS A 1108 -29.10 18.74 20.91
C LYS A 1108 -27.57 18.70 20.86
N LEU A 1109 -27.04 17.80 20.04
CA LEU A 1109 -25.59 17.66 19.89
C LEU A 1109 -25.01 18.83 19.10
N ASP A 1110 -25.78 19.39 18.16
CA ASP A 1110 -25.40 20.63 17.46
C ASP A 1110 -25.22 21.80 18.42
N ARG A 1111 -26.12 21.93 19.41
CA ARG A 1111 -26.07 23.05 20.35
C ARG A 1111 -24.87 22.89 21.27
N LEU A 1112 -24.56 21.65 21.69
CA LEU A 1112 -23.44 21.37 22.57
C LEU A 1112 -22.09 21.63 21.89
N MET A 1113 -22.00 21.31 20.59
CA MET A 1113 -20.72 21.24 19.89
C MET A 1113 -20.55 22.42 18.95
N GLY A 1114 -21.57 22.73 18.17
CA GLY A 1114 -21.49 23.77 17.16
C GLY A 1114 -20.96 23.23 15.83
N PHE A 1115 -21.82 22.56 15.09
CA PHE A 1115 -21.46 21.79 13.89
C PHE A 1115 -20.92 22.69 12.77
N HIS A 1116 -21.19 24.00 12.83
CA HIS A 1116 -20.72 24.95 11.83
C HIS A 1116 -19.19 25.05 11.82
N ARG A 1117 -18.57 24.72 12.96
CA ARG A 1117 -17.13 24.87 13.16
C ARG A 1117 -16.29 24.01 12.21
N VAL A 1118 -16.91 22.98 11.61
CA VAL A 1118 -16.24 22.10 10.67
C VAL A 1118 -17.12 21.98 9.42
N GLY A 1119 -17.95 23.00 9.18
CA GLY A 1119 -18.66 23.14 7.92
C GLY A 1119 -19.77 22.11 7.73
N VAL A 1120 -20.34 21.66 8.85
CA VAL A 1120 -21.43 20.69 8.82
C VAL A 1120 -22.70 21.46 9.20
N ARG A 1121 -23.79 21.12 8.51
CA ARG A 1121 -25.07 21.76 8.68
C ARG A 1121 -26.09 20.65 8.99
N LEU A 1122 -27.06 20.99 9.84
CA LEU A 1122 -28.14 20.10 10.18
C LEU A 1122 -29.44 20.65 9.58
N THR A 1123 -30.18 19.77 8.89
CA THR A 1123 -31.36 20.17 8.13
C THR A 1123 -32.59 20.25 9.03
N GLU A 1124 -33.71 20.69 8.44
CA GLU A 1124 -35.01 20.68 9.08
C GLU A 1124 -35.37 19.28 9.56
N ASN A 1125 -35.02 18.24 8.76
CA ASN A 1125 -35.32 16.84 9.04
C ASN A 1125 -34.25 16.17 9.91
N PHE A 1126 -33.30 16.95 10.46
CA PHE A 1126 -32.26 16.49 11.37
C PHE A 1126 -31.29 15.54 10.67
N GLN A 1127 -30.96 15.84 9.40
CA GLN A 1127 -29.99 15.10 8.61
C GLN A 1127 -28.74 15.97 8.46
N LEU A 1128 -27.55 15.34 8.46
CA LEU A 1128 -26.29 16.07 8.36
C LEU A 1128 -25.98 16.38 6.90
N GLU A 1129 -25.37 17.55 6.69
CA GLU A 1129 -24.85 17.97 5.40
C GLU A 1129 -23.41 18.42 5.61
N PRO A 1130 -22.44 18.13 4.70
CA PRO A 1130 -22.67 17.41 3.44
C PRO A 1130 -22.78 15.90 3.67
N GLU A 1131 -22.86 15.14 2.56
CA GLU A 1131 -23.13 13.71 2.52
C GLU A 1131 -22.17 12.95 3.42
N HIS A 1132 -20.88 13.32 3.33
CA HIS A 1132 -19.83 12.59 4.03
C HIS A 1132 -19.59 13.22 5.39
N ALA A 1133 -20.52 12.95 6.32
CA ALA A 1133 -20.45 13.48 7.69
C ALA A 1133 -21.25 12.59 8.64
N THR A 1134 -20.67 12.32 9.83
CA THR A 1134 -21.29 11.49 10.84
C THR A 1134 -20.89 11.98 12.21
N SER A 1135 -21.88 12.01 13.10
CA SER A 1135 -21.66 12.31 14.52
C SER A 1135 -21.90 11.03 15.32
N ALA A 1136 -21.34 11.01 16.55
CA ALA A 1136 -21.59 9.90 17.43
C ALA A 1136 -21.33 10.30 18.87
N LEU A 1137 -22.12 9.71 19.78
CA LEU A 1137 -21.85 9.72 21.19
C LEU A 1137 -20.82 8.63 21.48
N VAL A 1138 -19.78 8.95 22.26
CA VAL A 1138 -18.70 8.02 22.58
C VAL A 1138 -18.76 7.66 24.06
N VAL A 1139 -18.97 6.37 24.35
CA VAL A 1139 -19.28 5.86 25.67
C VAL A 1139 -18.09 5.06 26.15
N HIS A 1140 -17.61 5.33 27.37
CA HIS A 1140 -16.42 4.70 27.91
C HIS A 1140 -16.73 3.38 28.62
N HIS A 1141 -18.01 3.13 28.94
CA HIS A 1141 -18.41 2.05 29.83
C HIS A 1141 -18.02 0.70 29.26
N PRO A 1142 -17.24 -0.16 29.98
CA PRO A 1142 -16.75 -1.41 29.42
C PRO A 1142 -17.79 -2.43 28.94
N GLU A 1143 -19.00 -2.37 29.50
CA GLU A 1143 -20.07 -3.28 29.12
C GLU A 1143 -20.92 -2.68 27.99
N ALA A 1144 -20.55 -1.49 27.49
CA ALA A 1144 -21.30 -0.86 26.40
C ALA A 1144 -21.07 -1.64 25.12
N ARG A 1145 -22.18 -2.07 24.51
CA ARG A 1145 -22.19 -2.82 23.26
C ARG A 1145 -23.35 -2.30 22.43
N TYR A 1146 -23.35 -2.63 21.14
CA TYR A 1146 -24.44 -2.28 20.24
C TYR A 1146 -25.64 -3.14 20.61
N PHE A 1147 -26.84 -2.55 20.55
CA PHE A 1147 -28.09 -3.23 20.86
C PHE A 1147 -29.20 -2.57 20.05
N SER A 1148 -30.40 -3.15 20.09
CA SER A 1148 -31.51 -2.72 19.26
C SER A 1148 -32.82 -2.66 20.07
N VAL A 1149 -33.67 -1.66 19.78
CA VAL A 1149 -35.04 -1.57 20.29
C VAL A 1149 -35.98 -1.93 19.14
K K B . 14.69 5.87 21.01
S SO4 C . 28.41 -2.96 28.54
O1 SO4 C . 28.42 -4.39 28.23
O2 SO4 C . 27.79 -2.75 29.83
O3 SO4 C . 27.67 -2.28 27.53
O4 SO4 C . 29.75 -2.42 28.54
S SO4 D . 13.65 24.99 21.15
O1 SO4 D . 12.43 24.28 20.88
O2 SO4 D . 14.55 24.15 21.93
O3 SO4 D . 13.33 26.19 21.88
O4 SO4 D . 14.28 25.34 19.91
#